data_1NGX
#
_entry.id   1NGX
#
_cell.length_a   70.666
_cell.length_b   64.723
_cell.length_c   93.382
_cell.angle_alpha   90.00
_cell.angle_beta   92.58
_cell.angle_gamma   90.00
#
_symmetry.space_group_name_H-M   'P 1 21 1'
#
loop_
_entity.id
_entity.type
_entity.pdbx_description
1 polymer 'Germline Metal Chelatase Catalytic Antibody, Light chain'
2 polymer 'Germline Metal Chelatase Catalytic Antibody, Heavy chain'
3 non-polymer "O-(O-(2-AMINOPROPYL)-O'-(2-METHOXYETHYL)POLYPROPYLENE GLYCOL 500)"
4 water water
#
loop_
_entity_poly.entity_id
_entity_poly.type
_entity_poly.pdbx_seq_one_letter_code
_entity_poly.pdbx_strand_id
1 'polypeptide(L)'
;ELVMTQTPKFMSTSVGDRVSITCKASQNVGTAVAWYQQKPGQSPKLLIYSASNRYTGVPDRFTGSGSGTDFTLTISNMQS
EDLADYFCQQYSSYPLTFGGGTKVEIKRTVAAPSVFIFPPSDEQLKSGTASVVCLLNNFYPREAKVQWKVDNALQSGNSQ
ESVTEQDSKDSTYSLSSTLTLSKADYEKHKVYACEVTHQGLSSPVTKSFNRNE
;
A,L
2 'polypeptide(L)'
;QVQLLESGAELVKPGASVKLSCKASGYTFTSYWMHWVKQRPGRGLEWIGRIDPNSGGTKYNEKFKSKATLTVDKPSSTAY
MQLSSLTSEDSAVYYCTRRDSDYWGAGTTVTVSSASTKGPSVFPLAPSSKSTSGGTAALGCLVKDYFPEPVTVSWNSGAL
TSGVHTFPAVLQSSGLYSLSSVVTVPSSSLGTQTYICNVNHKPSNTKVDKKIVPKS
;
B,H
#
# COMPACT_ATOMS: atom_id res chain seq x y z
N GLU A 1 18.36 -16.11 3.10
CA GLU A 1 19.41 -16.31 2.05
C GLU A 1 20.80 -16.02 2.59
N LEU A 2 21.80 -16.41 1.81
CA LEU A 2 23.19 -16.21 2.17
C LEU A 2 23.59 -14.79 1.77
N VAL A 3 24.08 -14.02 2.75
CA VAL A 3 24.47 -12.63 2.51
C VAL A 3 25.96 -12.46 2.26
N MET A 4 26.29 -11.73 1.20
CA MET A 4 27.68 -11.44 0.85
C MET A 4 27.96 -9.99 1.21
N THR A 5 28.78 -9.80 2.24
CA THR A 5 29.13 -8.45 2.68
C THR A 5 30.42 -7.99 2.03
N GLN A 6 30.29 -7.03 1.12
CA GLN A 6 31.42 -6.49 0.37
C GLN A 6 31.90 -5.17 0.96
N THR A 7 33.23 -5.01 1.04
CA THR A 7 33.84 -3.80 1.55
C THR A 7 35.15 -3.50 0.82
N PRO A 8 35.47 -2.22 0.61
CA PRO A 8 34.68 -1.06 1.03
C PRO A 8 33.59 -0.80 0.00
N LYS A 9 32.78 0.23 0.22
CA LYS A 9 31.71 0.55 -0.72
C LYS A 9 32.21 1.51 -1.79
N PHE A 10 33.18 2.34 -1.43
CA PHE A 10 33.76 3.29 -2.37
C PHE A 10 35.27 3.34 -2.19
N MET A 11 35.99 3.53 -3.28
CA MET A 11 37.44 3.57 -3.23
C MET A 11 38.02 4.49 -4.29
N SER A 12 39.02 5.28 -3.91
CA SER A 12 39.69 6.17 -4.85
C SER A 12 41.14 5.70 -4.89
N THR A 13 41.57 5.25 -6.06
CA THR A 13 42.92 4.73 -6.24
C THR A 13 43.67 5.46 -7.36
N SER A 14 44.92 5.79 -7.13
CA SER A 14 45.70 6.47 -8.16
C SER A 14 46.21 5.42 -9.16
N VAL A 15 46.44 5.83 -10.40
CA VAL A 15 46.93 4.90 -11.41
C VAL A 15 48.25 4.31 -10.93
N GLY A 16 48.39 2.99 -11.07
CA GLY A 16 49.60 2.31 -10.66
C GLY A 16 49.52 1.66 -9.29
N ASP A 17 48.54 2.07 -8.49
CA ASP A 17 48.37 1.51 -7.15
C ASP A 17 47.58 0.22 -7.15
N ARG A 18 47.59 -0.46 -6.01
CA ARG A 18 46.89 -1.73 -5.86
C ARG A 18 45.51 -1.52 -5.24
N VAL A 19 44.55 -2.32 -5.70
CA VAL A 19 43.19 -2.27 -5.21
C VAL A 19 42.88 -3.58 -4.52
N SER A 20 42.33 -3.50 -3.31
CA SER A 20 41.98 -4.71 -2.57
C SER A 20 40.52 -4.61 -2.12
N ILE A 21 39.70 -5.55 -2.58
CA ILE A 21 38.27 -5.56 -2.24
C ILE A 21 37.93 -6.90 -1.59
N THR A 22 37.15 -6.88 -0.52
CA THR A 22 36.79 -8.13 0.14
C THR A 22 35.30 -8.40 0.20
N CYS A 23 34.97 -9.69 0.24
CA CYS A 23 33.58 -10.14 0.35
C CYS A 23 33.57 -11.25 1.40
N LYS A 24 32.67 -11.10 2.37
CA LYS A 24 32.52 -12.06 3.46
C LYS A 24 31.16 -12.74 3.35
N ALA A 25 31.17 -14.07 3.24
CA ALA A 25 29.91 -14.82 3.14
C ALA A 25 29.42 -15.15 4.54
N SER A 26 28.11 -15.04 4.76
CA SER A 26 27.52 -15.32 6.07
C SER A 26 27.59 -16.81 6.44
N GLN A 27 27.78 -17.65 5.44
CA GLN A 27 27.90 -19.08 5.64
C GLN A 27 28.97 -19.59 4.68
N ASN A 28 29.55 -20.75 4.97
CA ASN A 28 30.60 -21.31 4.13
C ASN A 28 30.08 -21.57 2.70
N VAL A 29 30.79 -21.05 1.71
CA VAL A 29 30.37 -21.23 0.31
C VAL A 29 31.45 -21.91 -0.52
N GLY A 30 32.42 -22.54 0.15
CA GLY A 30 33.49 -23.21 -0.55
C GLY A 30 34.26 -22.25 -1.43
N THR A 31 34.32 -22.53 -2.72
CA THR A 31 35.00 -21.64 -3.64
C THR A 31 34.01 -21.23 -4.74
N ALA A 32 32.73 -21.40 -4.46
CA ALA A 32 31.69 -21.04 -5.42
C ALA A 32 31.44 -19.53 -5.39
N VAL A 33 32.47 -18.77 -5.76
CA VAL A 33 32.38 -17.31 -5.78
C VAL A 33 32.89 -16.76 -7.12
N ALA A 34 32.24 -15.70 -7.60
CA ALA A 34 32.66 -15.08 -8.85
C ALA A 34 32.78 -13.56 -8.64
N TRP A 35 33.60 -12.91 -9.45
CA TRP A 35 33.80 -11.47 -9.36
C TRP A 35 33.46 -10.84 -10.71
N TYR A 36 32.72 -9.74 -10.67
CA TYR A 36 32.33 -9.03 -11.89
C TYR A 36 32.79 -7.58 -11.89
N GLN A 37 32.95 -7.04 -13.10
CA GLN A 37 33.37 -5.66 -13.29
C GLN A 37 32.32 -5.01 -14.19
N GLN A 38 31.78 -3.88 -13.75
CA GLN A 38 30.77 -3.19 -14.56
C GLN A 38 31.21 -1.75 -14.80
N LYS A 39 31.60 -1.47 -16.03
CA LYS A 39 32.05 -0.13 -16.39
C LYS A 39 30.86 0.74 -16.75
N PRO A 40 31.00 2.07 -16.61
CA PRO A 40 29.92 3.00 -16.92
C PRO A 40 29.23 2.74 -18.26
N GLY A 41 27.91 2.68 -18.22
CA GLY A 41 27.13 2.44 -19.43
C GLY A 41 27.26 1.05 -20.03
N GLN A 42 27.89 0.12 -19.30
CA GLN A 42 28.08 -1.23 -19.81
C GLN A 42 27.43 -2.27 -18.90
N SER A 43 27.34 -3.50 -19.39
CA SER A 43 26.78 -4.61 -18.63
C SER A 43 27.95 -5.23 -17.86
N PRO A 44 27.64 -5.96 -16.76
CA PRO A 44 28.69 -6.59 -15.96
C PRO A 44 29.49 -7.61 -16.77
N LYS A 45 30.79 -7.68 -16.50
CA LYS A 45 31.70 -8.61 -17.17
C LYS A 45 32.31 -9.56 -16.15
N LEU A 46 32.32 -10.86 -16.45
CA LEU A 46 32.89 -11.85 -15.54
C LEU A 46 34.40 -11.79 -15.55
N LEU A 47 35.00 -11.62 -14.38
CA LEU A 47 36.45 -11.57 -14.27
C LEU A 47 37.02 -12.86 -13.70
N ILE A 48 36.46 -13.27 -12.57
CA ILE A 48 36.92 -14.46 -11.83
C ILE A 48 35.77 -15.43 -11.54
N TYR A 49 36.03 -16.72 -11.70
CA TYR A 49 35.04 -17.73 -11.37
C TYR A 49 35.67 -18.78 -10.46
N SER A 50 34.84 -19.48 -9.71
CA SER A 50 35.29 -20.49 -8.76
C SER A 50 36.40 -19.92 -7.87
N ALA A 51 36.17 -18.70 -7.39
CA ALA A 51 37.04 -17.97 -6.47
C ALA A 51 38.40 -17.47 -6.96
N SER A 52 39.11 -18.29 -7.73
CA SER A 52 40.44 -17.89 -8.16
C SER A 52 40.79 -18.05 -9.63
N ASN A 53 39.84 -18.49 -10.46
CA ASN A 53 40.14 -18.69 -11.87
C ASN A 53 39.82 -17.47 -12.74
N ARG A 54 40.83 -17.01 -13.46
CA ARG A 54 40.66 -15.86 -14.34
C ARG A 54 39.95 -16.29 -15.63
N TYR A 55 38.92 -15.56 -16.02
CA TYR A 55 38.20 -15.88 -17.25
C TYR A 55 39.17 -15.60 -18.40
N THR A 56 39.04 -16.33 -19.49
CA THR A 56 39.91 -16.13 -20.64
C THR A 56 39.96 -14.65 -21.04
N GLY A 57 41.16 -14.13 -21.24
CA GLY A 57 41.30 -12.74 -21.64
C GLY A 57 41.56 -11.74 -20.53
N VAL A 58 41.11 -12.05 -19.31
CA VAL A 58 41.33 -11.13 -18.20
C VAL A 58 42.80 -11.10 -17.81
N PRO A 59 43.41 -9.90 -17.77
CA PRO A 59 44.82 -9.75 -17.41
C PRO A 59 45.18 -10.24 -16.01
N ASP A 60 46.45 -10.60 -15.84
CA ASP A 60 46.96 -11.09 -14.58
C ASP A 60 46.85 -10.08 -13.44
N ARG A 61 46.61 -8.81 -13.79
CA ARG A 61 46.46 -7.77 -12.78
C ARG A 61 45.29 -8.05 -11.86
N PHE A 62 44.31 -8.79 -12.36
CA PHE A 62 43.12 -9.15 -11.59
C PHE A 62 43.31 -10.51 -10.96
N THR A 63 43.28 -10.58 -9.64
CA THR A 63 43.46 -11.84 -8.93
C THR A 63 42.36 -12.08 -7.90
N GLY A 64 41.76 -13.26 -7.95
CA GLY A 64 40.73 -13.63 -7.01
C GLY A 64 41.33 -14.65 -6.06
N SER A 65 41.02 -14.54 -4.77
CA SER A 65 41.56 -15.47 -3.78
C SER A 65 40.58 -15.71 -2.65
N GLY A 66 40.84 -16.75 -1.86
CA GLY A 66 39.98 -17.05 -0.74
C GLY A 66 39.12 -18.30 -0.89
N SER A 67 38.62 -18.78 0.24
CA SER A 67 37.77 -19.95 0.29
C SER A 67 37.00 -19.91 1.61
N GLY A 68 35.92 -20.68 1.69
CA GLY A 68 35.12 -20.70 2.91
C GLY A 68 34.19 -19.51 3.01
N THR A 69 34.58 -18.50 3.77
CA THR A 69 33.75 -17.31 3.95
C THR A 69 34.44 -16.00 3.58
N ASP A 70 35.77 -16.02 3.50
CA ASP A 70 36.51 -14.80 3.19
C ASP A 70 37.14 -14.80 1.80
N PHE A 71 36.67 -13.87 0.96
CA PHE A 71 37.16 -13.77 -0.41
C PHE A 71 37.73 -12.38 -0.70
N THR A 72 38.69 -12.33 -1.62
CA THR A 72 39.34 -11.08 -1.97
C THR A 72 39.57 -10.95 -3.48
N LEU A 73 39.41 -9.74 -3.98
CA LEU A 73 39.68 -9.46 -5.39
C LEU A 73 40.76 -8.40 -5.32
N THR A 74 41.90 -8.67 -5.95
CA THR A 74 43.01 -7.74 -5.94
C THR A 74 43.32 -7.26 -7.36
N ILE A 75 43.47 -5.94 -7.51
CA ILE A 75 43.79 -5.35 -8.80
C ILE A 75 45.10 -4.61 -8.64
N SER A 76 46.15 -5.07 -9.30
CA SER A 76 47.44 -4.41 -9.21
C SER A 76 47.64 -3.48 -10.40
N ASN A 77 48.55 -2.53 -10.25
CA ASN A 77 48.87 -1.59 -11.32
C ASN A 77 47.60 -1.00 -11.95
N MET A 78 46.74 -0.44 -11.11
CA MET A 78 45.48 0.16 -11.53
C MET A 78 45.65 1.05 -12.77
N GLN A 79 44.79 0.85 -13.76
CA GLN A 79 44.82 1.63 -14.99
C GLN A 79 43.64 2.59 -14.99
N SER A 80 43.77 3.72 -15.67
CA SER A 80 42.69 4.70 -15.70
C SER A 80 41.38 4.09 -16.20
N GLU A 81 41.50 3.09 -17.07
CA GLU A 81 40.32 2.43 -17.63
C GLU A 81 39.69 1.39 -16.71
N ASP A 82 40.32 1.13 -15.57
CA ASP A 82 39.78 0.15 -14.63
C ASP A 82 38.69 0.70 -13.73
N LEU A 83 38.39 2.00 -13.85
CA LEU A 83 37.35 2.59 -13.02
C LEU A 83 36.06 1.85 -13.32
N ALA A 84 35.30 1.53 -12.29
CA ALA A 84 34.05 0.80 -12.47
C ALA A 84 33.54 0.28 -11.14
N ASP A 85 32.41 -0.42 -11.19
CA ASP A 85 31.81 -1.01 -10.01
C ASP A 85 32.18 -2.48 -10.06
N TYR A 86 32.67 -3.01 -8.95
CA TYR A 86 33.06 -4.42 -8.85
C TYR A 86 32.13 -5.10 -7.86
N PHE A 87 31.60 -6.27 -8.23
CA PHE A 87 30.69 -7.02 -7.36
C PHE A 87 31.08 -8.49 -7.27
N CYS A 88 30.83 -9.11 -6.12
CA CYS A 88 31.12 -10.53 -5.95
C CYS A 88 29.76 -11.26 -5.98
N GLN A 89 29.80 -12.60 -6.04
CA GLN A 89 28.60 -13.44 -6.09
C GLN A 89 28.96 -14.81 -5.49
N GLN A 90 28.03 -15.52 -4.86
CA GLN A 90 28.35 -16.83 -4.23
C GLN A 90 27.84 -18.19 -4.72
N TYR A 91 27.01 -18.23 -5.74
CA TYR A 91 26.43 -19.48 -6.28
C TYR A 91 26.61 -20.87 -5.61
N SER A 92 26.79 -20.91 -4.30
CA SER A 92 26.90 -22.17 -3.56
C SER A 92 25.52 -22.53 -3.03
N SER A 93 24.84 -21.52 -2.50
CA SER A 93 23.51 -21.67 -1.92
C SER A 93 22.47 -20.89 -2.71
N TYR A 94 21.28 -21.46 -2.82
CA TYR A 94 20.16 -20.83 -3.50
C TYR A 94 19.30 -20.11 -2.48
N PRO A 95 18.83 -18.90 -2.80
CA PRO A 95 19.07 -18.21 -4.07
C PRO A 95 20.48 -17.65 -4.19
N LEU A 96 20.95 -17.53 -5.42
CA LEU A 96 22.27 -16.96 -5.68
C LEU A 96 22.21 -15.52 -5.19
N THR A 97 23.27 -15.05 -4.54
CA THR A 97 23.28 -13.68 -4.02
C THR A 97 24.55 -12.93 -4.41
N PHE A 98 24.45 -11.60 -4.40
CA PHE A 98 25.56 -10.72 -4.77
C PHE A 98 25.97 -9.78 -3.66
N GLY A 99 27.22 -9.33 -3.71
CA GLY A 99 27.71 -8.38 -2.72
C GLY A 99 27.16 -7.03 -3.12
N GLY A 100 27.23 -6.05 -2.23
CA GLY A 100 26.70 -4.73 -2.52
C GLY A 100 27.45 -3.93 -3.56
N GLY A 101 28.67 -4.34 -3.86
CA GLY A 101 29.47 -3.64 -4.86
C GLY A 101 30.44 -2.64 -4.28
N THR A 102 31.50 -2.37 -5.04
CA THR A 102 32.51 -1.41 -4.66
C THR A 102 32.74 -0.49 -5.84
N LYS A 103 32.57 0.81 -5.63
CA LYS A 103 32.78 1.77 -6.71
C LYS A 103 34.23 2.24 -6.64
N VAL A 104 35.00 1.91 -7.66
CA VAL A 104 36.41 2.29 -7.72
C VAL A 104 36.59 3.48 -8.64
N GLU A 105 37.07 4.58 -8.06
CA GLU A 105 37.31 5.81 -8.81
C GLU A 105 38.82 5.98 -8.96
N ILE A 106 39.22 6.73 -9.98
CA ILE A 106 40.63 7.00 -10.22
C ILE A 106 41.02 8.29 -9.51
N LYS A 107 42.10 8.25 -8.74
CA LYS A 107 42.56 9.44 -8.05
C LYS A 107 43.67 10.06 -8.88
N ARG A 108 43.51 11.33 -9.22
CA ARG A 108 44.51 12.03 -10.02
C ARG A 108 44.82 13.39 -9.41
N THR A 109 45.69 14.14 -10.04
CA THR A 109 46.05 15.46 -9.56
C THR A 109 44.84 16.39 -9.67
N VAL A 110 44.78 17.39 -8.81
CA VAL A 110 43.67 18.33 -8.83
C VAL A 110 43.63 19.09 -10.14
N ALA A 111 42.42 19.34 -10.64
CA ALA A 111 42.25 20.09 -11.86
C ALA A 111 41.09 21.04 -11.63
N ALA A 112 41.33 22.33 -11.83
CA ALA A 112 40.29 23.33 -11.62
C ALA A 112 39.29 23.24 -12.76
N PRO A 113 38.00 23.45 -12.46
CA PRO A 113 37.01 23.37 -13.53
C PRO A 113 37.05 24.61 -14.42
N SER A 114 36.63 24.45 -15.66
CA SER A 114 36.53 25.59 -16.58
C SER A 114 35.04 25.87 -16.55
N VAL A 115 34.69 27.11 -16.21
CA VAL A 115 33.28 27.50 -16.07
C VAL A 115 32.67 28.27 -17.23
N PHE A 116 31.40 27.95 -17.53
CA PHE A 116 30.66 28.61 -18.59
C PHE A 116 29.22 28.80 -18.13
N ILE A 117 28.62 29.94 -18.48
CA ILE A 117 27.24 30.19 -18.13
C ILE A 117 26.43 30.41 -19.41
N PHE A 118 25.19 29.96 -19.40
CA PHE A 118 24.30 30.07 -20.56
C PHE A 118 22.97 30.72 -20.21
N PRO A 119 22.60 31.80 -20.90
CA PRO A 119 21.33 32.47 -20.62
C PRO A 119 20.19 31.64 -21.22
N PRO A 120 18.94 31.88 -20.78
CA PRO A 120 17.83 31.09 -21.36
C PRO A 120 17.62 31.55 -22.79
N SER A 121 17.12 30.67 -23.64
CA SER A 121 16.87 31.02 -25.02
C SER A 121 15.57 31.81 -25.14
N ASP A 122 15.47 32.62 -26.19
CA ASP A 122 14.25 33.40 -26.40
C ASP A 122 13.11 32.42 -26.64
N GLU A 123 13.44 31.29 -27.26
CA GLU A 123 12.43 30.27 -27.55
C GLU A 123 11.81 29.73 -26.27
N GLN A 124 12.63 29.40 -25.28
CA GLN A 124 12.09 28.88 -24.04
C GLN A 124 11.27 29.96 -23.34
N LEU A 125 11.83 31.17 -23.26
CA LEU A 125 11.13 32.28 -22.62
C LEU A 125 9.72 32.45 -23.16
N LYS A 126 9.55 32.26 -24.46
CA LYS A 126 8.23 32.39 -25.08
C LYS A 126 7.27 31.33 -24.52
N SER A 127 7.81 30.26 -23.97
CA SER A 127 6.98 29.19 -23.41
C SER A 127 6.62 29.48 -21.96
N GLY A 128 7.20 30.52 -21.38
CA GLY A 128 6.89 30.88 -20.01
C GLY A 128 7.88 30.44 -18.94
N THR A 129 9.01 29.88 -19.36
CA THR A 129 10.01 29.42 -18.41
C THR A 129 11.42 29.83 -18.80
N ALA A 130 12.28 29.95 -17.80
CA ALA A 130 13.66 30.33 -18.03
C ALA A 130 14.62 29.37 -17.32
N SER A 131 15.43 28.68 -18.10
CA SER A 131 16.42 27.77 -17.54
C SER A 131 17.78 28.42 -17.77
N VAL A 132 18.55 28.61 -16.69
CA VAL A 132 19.87 29.19 -16.80
C VAL A 132 20.83 28.06 -16.46
N VAL A 133 21.83 27.84 -17.31
CA VAL A 133 22.74 26.73 -17.09
C VAL A 133 24.19 27.12 -16.84
N CYS A 134 24.82 26.41 -15.92
CA CYS A 134 26.21 26.65 -15.59
C CYS A 134 26.98 25.35 -15.78
N LEU A 135 28.03 25.40 -16.58
CA LEU A 135 28.86 24.23 -16.85
C LEU A 135 30.22 24.32 -16.18
N LEU A 136 30.60 23.26 -15.48
CA LEU A 136 31.90 23.15 -14.82
C LEU A 136 32.56 22.00 -15.58
N ASN A 137 33.58 22.31 -16.36
CA ASN A 137 34.22 21.31 -17.21
C ASN A 137 35.58 20.78 -16.80
N ASN A 138 35.74 19.47 -16.95
CA ASN A 138 36.97 18.74 -16.67
C ASN A 138 37.73 19.11 -15.40
N PHE A 139 37.16 18.73 -14.27
CA PHE A 139 37.81 19.03 -12.99
C PHE A 139 37.98 17.79 -12.12
N TYR A 140 38.80 17.94 -11.08
CA TYR A 140 39.06 16.88 -10.11
C TYR A 140 39.63 17.55 -8.85
N PRO A 141 39.19 17.11 -7.66
CA PRO A 141 38.20 16.06 -7.36
C PRO A 141 36.75 16.41 -7.70
N ARG A 142 35.87 15.43 -7.54
CA ARG A 142 34.45 15.59 -7.85
C ARG A 142 33.73 16.64 -7.03
N GLU A 143 34.17 16.84 -5.79
CA GLU A 143 33.56 17.83 -4.90
C GLU A 143 33.67 19.24 -5.47
N ALA A 144 32.53 19.91 -5.63
CA ALA A 144 32.50 21.26 -6.15
C ALA A 144 31.21 21.93 -5.69
N LYS A 145 31.24 23.24 -5.52
CA LYS A 145 30.07 23.96 -5.09
C LYS A 145 29.68 25.06 -6.06
N VAL A 146 28.42 25.03 -6.50
CA VAL A 146 27.89 26.02 -7.41
C VAL A 146 26.85 26.84 -6.66
N GLN A 147 27.04 28.16 -6.64
CA GLN A 147 26.10 29.04 -5.97
C GLN A 147 25.54 30.01 -6.99
N TRP A 148 24.23 29.98 -7.18
CA TRP A 148 23.60 30.88 -8.13
C TRP A 148 23.27 32.17 -7.42
N LYS A 149 23.48 33.28 -8.09
CA LYS A 149 23.17 34.59 -7.53
C LYS A 149 22.40 35.39 -8.57
N VAL A 150 21.30 36.02 -8.14
CA VAL A 150 20.50 36.85 -9.03
C VAL A 150 20.42 38.20 -8.35
N ASP A 151 21.08 39.18 -8.97
CA ASP A 151 21.18 40.54 -8.42
C ASP A 151 21.70 40.43 -6.99
N ASN A 152 22.73 39.59 -6.84
CA ASN A 152 23.41 39.34 -5.58
C ASN A 152 22.62 38.54 -4.54
N ALA A 153 21.43 38.08 -4.88
CA ALA A 153 20.63 37.29 -3.97
C ALA A 153 21.01 35.82 -4.16
N LEU A 154 21.44 35.15 -3.09
CA LEU A 154 21.82 33.74 -3.20
C LEU A 154 20.59 32.85 -3.33
N GLN A 155 20.57 32.04 -4.39
CA GLN A 155 19.46 31.14 -4.67
C GLN A 155 19.61 29.78 -4.00
N SER A 156 18.49 29.19 -3.63
CA SER A 156 18.50 27.86 -3.02
C SER A 156 17.13 27.23 -3.26
N GLY A 157 17.13 25.93 -3.55
CA GLY A 157 15.89 25.22 -3.78
C GLY A 157 15.37 25.25 -5.20
N ASN A 158 15.94 26.10 -6.05
CA ASN A 158 15.48 26.21 -7.44
C ASN A 158 16.51 25.80 -8.48
N SER A 159 17.45 24.94 -8.07
CA SER A 159 18.46 24.47 -9.00
C SER A 159 18.68 22.97 -8.84
N GLN A 160 19.16 22.34 -9.90
CA GLN A 160 19.46 20.92 -9.90
C GLN A 160 20.73 20.73 -10.70
N GLU A 161 21.52 19.72 -10.35
CA GLU A 161 22.76 19.48 -11.06
C GLU A 161 23.00 17.99 -11.25
N SER A 162 23.86 17.66 -12.20
CA SER A 162 24.22 16.26 -12.43
C SER A 162 25.68 16.27 -12.85
N VAL A 163 26.34 15.13 -12.61
CA VAL A 163 27.76 15.00 -12.92
C VAL A 163 28.00 13.80 -13.83
N THR A 164 28.92 13.94 -14.77
CA THR A 164 29.26 12.87 -15.68
C THR A 164 30.10 11.84 -14.94
N GLU A 165 30.25 10.66 -15.53
CA GLU A 165 31.07 9.63 -14.93
C GLU A 165 32.50 10.05 -15.19
N GLN A 166 33.43 9.62 -14.33
CA GLN A 166 34.82 9.99 -14.49
C GLN A 166 35.38 9.61 -15.86
N ASP A 167 36.09 10.56 -16.48
CA ASP A 167 36.69 10.34 -17.80
C ASP A 167 37.78 9.28 -17.76
N SER A 168 37.66 8.28 -18.62
CA SER A 168 38.62 7.18 -18.68
C SER A 168 40.03 7.58 -19.13
N LYS A 169 40.15 8.75 -19.76
CA LYS A 169 41.44 9.23 -20.24
C LYS A 169 42.15 10.20 -19.29
N ASP A 170 41.51 11.32 -18.97
CA ASP A 170 42.13 12.30 -18.08
C ASP A 170 41.64 12.22 -16.63
N SER A 171 40.76 11.28 -16.35
CA SER A 171 40.24 11.09 -15.00
C SER A 171 39.49 12.28 -14.38
N THR A 172 38.89 13.11 -15.23
CA THR A 172 38.17 14.26 -14.69
C THR A 172 36.66 14.09 -14.73
N TYR A 173 35.98 15.03 -14.10
CA TYR A 173 34.53 15.07 -14.03
C TYR A 173 34.07 16.38 -14.65
N SER A 174 32.79 16.42 -15.00
CA SER A 174 32.17 17.62 -15.52
C SER A 174 30.82 17.70 -14.84
N LEU A 175 30.34 18.91 -14.60
CA LEU A 175 29.09 19.10 -13.90
C LEU A 175 28.27 20.21 -14.57
N SER A 176 26.96 20.01 -14.58
CA SER A 176 26.05 21.01 -15.15
C SER A 176 25.00 21.32 -14.11
N SER A 177 24.78 22.61 -13.87
CA SER A 177 23.78 23.06 -12.91
C SER A 177 22.75 23.91 -13.65
N THR A 178 21.48 23.68 -13.33
CA THR A 178 20.41 24.43 -13.97
C THR A 178 19.55 25.16 -12.96
N LEU A 179 19.43 26.46 -13.14
CA LEU A 179 18.61 27.32 -12.29
C LEU A 179 17.32 27.52 -13.08
N THR A 180 16.18 27.19 -12.48
CA THR A 180 14.92 27.33 -13.18
C THR A 180 14.01 28.36 -12.54
N LEU A 181 13.56 29.33 -13.34
CA LEU A 181 12.68 30.39 -12.88
C LEU A 181 11.56 30.56 -13.90
N SER A 182 10.46 31.17 -13.49
CA SER A 182 9.37 31.41 -14.42
C SER A 182 9.82 32.61 -15.27
N LYS A 183 9.22 32.80 -16.43
CA LYS A 183 9.59 33.93 -17.27
C LYS A 183 9.35 35.23 -16.52
N ALA A 184 8.25 35.27 -15.77
CA ALA A 184 7.90 36.47 -15.00
C ALA A 184 8.99 36.80 -13.97
N ASP A 185 9.43 35.79 -13.23
CA ASP A 185 10.47 36.01 -12.22
C ASP A 185 11.79 36.38 -12.86
N TYR A 186 12.09 35.74 -13.99
CA TYR A 186 13.32 36.02 -14.72
C TYR A 186 13.39 37.50 -15.07
N GLU A 187 12.27 38.05 -15.51
CA GLU A 187 12.22 39.45 -15.91
C GLU A 187 12.10 40.47 -14.75
N LYS A 188 12.42 40.03 -13.54
CA LYS A 188 12.37 40.93 -12.39
C LYS A 188 13.79 41.24 -11.91
N HIS A 189 14.78 40.64 -12.55
CA HIS A 189 16.17 40.86 -12.16
C HIS A 189 17.09 41.10 -13.35
N LYS A 190 18.28 41.61 -13.09
CA LYS A 190 19.23 41.92 -14.15
C LYS A 190 20.45 40.98 -14.24
N VAL A 191 21.19 40.87 -13.16
CA VAL A 191 22.41 40.06 -13.15
C VAL A 191 22.24 38.61 -12.72
N TYR A 192 22.61 37.70 -13.61
CA TYR A 192 22.54 36.27 -13.31
C TYR A 192 23.97 35.76 -13.25
N ALA A 193 24.33 35.14 -12.13
CA ALA A 193 25.69 34.68 -11.96
C ALA A 193 25.81 33.29 -11.34
N CYS A 194 26.86 32.59 -11.74
CA CYS A 194 27.15 31.25 -11.25
C CYS A 194 28.52 31.35 -10.57
N GLU A 195 28.56 31.18 -9.25
CA GLU A 195 29.82 31.25 -8.52
C GLU A 195 30.28 29.84 -8.18
N VAL A 196 31.49 29.51 -8.61
CA VAL A 196 32.05 28.17 -8.40
C VAL A 196 33.19 28.13 -7.40
N THR A 197 33.11 27.18 -6.48
CA THR A 197 34.12 26.97 -5.46
C THR A 197 34.66 25.57 -5.66
N HIS A 198 35.98 25.45 -5.70
CA HIS A 198 36.62 24.15 -5.91
C HIS A 198 38.06 24.17 -5.40
N GLN A 199 38.52 23.01 -4.97
CA GLN A 199 39.85 22.85 -4.41
C GLN A 199 40.94 23.42 -5.31
N GLY A 200 40.74 23.33 -6.62
CA GLY A 200 41.72 23.84 -7.56
C GLY A 200 41.64 25.33 -7.84
N LEU A 201 40.73 26.02 -7.17
CA LEU A 201 40.56 27.46 -7.35
C LEU A 201 40.90 28.21 -6.06
N SER A 202 42.03 28.93 -6.07
CA SER A 202 42.44 29.68 -4.90
C SER A 202 41.34 30.66 -4.47
N SER A 203 40.60 31.17 -5.45
CA SER A 203 39.48 32.07 -5.20
C SER A 203 38.32 31.62 -6.07
N PRO A 204 37.08 31.73 -5.57
CA PRO A 204 35.95 31.29 -6.39
C PRO A 204 35.88 32.01 -7.72
N VAL A 205 35.40 31.30 -8.74
CA VAL A 205 35.25 31.84 -10.08
C VAL A 205 33.77 32.10 -10.34
N THR A 206 33.47 33.28 -10.86
CA THR A 206 32.09 33.65 -11.15
C THR A 206 31.91 34.00 -12.63
N LYS A 207 30.87 33.43 -13.23
CA LYS A 207 30.54 33.70 -14.62
C LYS A 207 29.15 34.31 -14.56
N SER A 208 28.89 35.33 -15.36
CA SER A 208 27.58 35.97 -15.31
C SER A 208 27.20 36.69 -16.60
N PHE A 209 25.94 37.14 -16.64
CA PHE A 209 25.42 37.89 -17.76
C PHE A 209 24.27 38.76 -17.29
N ASN A 210 23.98 39.81 -18.04
CA ASN A 210 22.89 40.70 -17.70
C ASN A 210 21.74 40.38 -18.65
N ARG A 211 20.56 40.19 -18.08
CA ARG A 211 19.39 39.87 -18.90
C ARG A 211 19.21 40.98 -19.93
N ASN A 212 19.07 40.60 -21.20
CA ASN A 212 18.88 41.56 -22.28
C ASN A 212 18.80 40.87 -23.63
N GLU A 213 19.00 41.62 -24.70
CA GLU A 213 18.93 41.09 -26.06
C GLU A 213 17.64 40.31 -26.30
N GLN B 1 1.35 -7.61 -21.21
CA GLN B 1 0.89 -6.75 -22.35
C GLN B 1 2.08 -6.19 -23.12
N VAL B 2 2.82 -5.29 -22.48
CA VAL B 2 3.98 -4.67 -23.11
C VAL B 2 5.10 -5.66 -23.37
N GLN B 3 5.55 -5.71 -24.62
CA GLN B 3 6.65 -6.60 -25.02
C GLN B 3 7.94 -5.78 -24.99
N LEU B 4 8.97 -6.35 -24.40
CA LEU B 4 10.25 -5.65 -24.27
C LEU B 4 11.41 -6.50 -24.78
N LEU B 5 12.01 -6.08 -25.89
CA LEU B 5 13.14 -6.80 -26.47
C LEU B 5 14.42 -6.49 -25.70
N GLU B 6 15.36 -7.43 -25.71
CA GLU B 6 16.62 -7.23 -25.02
C GLU B 6 17.25 -5.91 -25.49
N SER B 7 17.74 -5.13 -24.52
CA SER B 7 18.38 -3.84 -24.75
C SER B 7 17.40 -2.69 -24.90
N GLY B 8 16.10 -2.99 -24.92
CA GLY B 8 15.12 -1.95 -25.06
C GLY B 8 14.80 -1.24 -23.75
N ALA B 9 13.81 -0.35 -23.78
CA ALA B 9 13.38 0.39 -22.61
C ALA B 9 11.90 0.69 -22.82
N GLU B 10 11.06 0.28 -21.87
CA GLU B 10 9.63 0.51 -22.01
C GLU B 10 8.95 0.98 -20.75
N LEU B 11 7.97 1.86 -20.92
CA LEU B 11 7.16 2.40 -19.84
C LEU B 11 5.95 1.49 -19.70
N VAL B 12 5.67 1.06 -18.48
CA VAL B 12 4.53 0.19 -18.21
C VAL B 12 3.74 0.73 -17.03
N LYS B 13 2.41 0.61 -17.09
CA LYS B 13 1.53 1.10 -16.03
C LYS B 13 1.54 0.21 -14.79
N PRO B 14 1.39 0.80 -13.60
CA PRO B 14 1.38 -0.01 -12.38
C PRO B 14 0.18 -0.94 -12.49
N GLY B 15 0.32 -2.17 -12.00
CA GLY B 15 -0.78 -3.12 -12.05
C GLY B 15 -0.82 -3.96 -13.32
N ALA B 16 -0.14 -3.50 -14.36
CA ALA B 16 -0.11 -4.23 -15.62
C ALA B 16 1.04 -5.24 -15.60
N SER B 17 1.40 -5.77 -16.77
CA SER B 17 2.51 -6.72 -16.84
C SER B 17 3.41 -6.41 -18.02
N VAL B 18 4.59 -6.99 -18.03
CA VAL B 18 5.54 -6.79 -19.11
C VAL B 18 6.28 -8.09 -19.33
N LYS B 19 6.67 -8.33 -20.58
CA LYS B 19 7.36 -9.56 -20.93
C LYS B 19 8.65 -9.23 -21.68
N LEU B 20 9.79 -9.59 -21.08
CA LEU B 20 11.10 -9.36 -21.68
C LEU B 20 11.53 -10.59 -22.44
N SER B 21 12.31 -10.40 -23.50
CA SER B 21 12.78 -11.53 -24.30
C SER B 21 14.30 -11.51 -24.40
N CYS B 22 14.87 -12.70 -24.62
CA CYS B 22 16.32 -12.86 -24.72
C CYS B 22 16.59 -14.09 -25.57
N LYS B 23 17.19 -13.87 -26.73
CA LYS B 23 17.50 -14.97 -27.65
C LYS B 23 18.75 -15.75 -27.25
N ALA B 24 18.68 -17.07 -27.37
CA ALA B 24 19.82 -17.92 -27.05
C ALA B 24 20.82 -17.75 -28.21
N SER B 25 22.08 -18.07 -27.96
CA SER B 25 23.11 -17.94 -29.01
C SER B 25 22.82 -18.83 -30.21
N GLY B 26 22.22 -19.98 -29.96
CA GLY B 26 21.91 -20.90 -31.04
C GLY B 26 22.89 -22.06 -31.08
N TYR B 27 23.94 -21.97 -30.27
CA TYR B 27 24.95 -23.02 -30.20
C TYR B 27 24.41 -24.26 -29.49
N THR B 28 24.87 -25.42 -29.93
CA THR B 28 24.42 -26.69 -29.36
C THR B 28 25.13 -27.05 -28.06
N PHE B 29 24.33 -27.27 -27.03
CA PHE B 29 24.81 -27.65 -25.70
C PHE B 29 23.76 -28.56 -25.08
N THR B 30 24.16 -29.40 -24.14
CA THR B 30 23.20 -30.28 -23.49
C THR B 30 22.23 -29.37 -22.73
N SER B 31 22.80 -28.50 -21.92
CA SER B 31 22.02 -27.54 -21.13
C SER B 31 22.49 -26.13 -21.51
N TYR B 32 21.61 -25.15 -21.32
CA TYR B 32 21.93 -23.77 -21.66
C TYR B 32 21.25 -22.85 -20.65
N TRP B 33 21.56 -23.02 -19.37
CA TRP B 33 20.96 -22.19 -18.33
C TRP B 33 21.16 -20.70 -18.50
N MET B 34 20.07 -19.98 -18.63
CA MET B 34 20.09 -18.53 -18.78
C MET B 34 19.51 -17.95 -17.50
N HIS B 35 20.27 -17.05 -16.87
CA HIS B 35 19.86 -16.42 -15.62
C HIS B 35 19.34 -15.01 -15.86
N TRP B 36 18.42 -14.56 -15.00
CA TRP B 36 17.87 -13.23 -15.09
C TRP B 36 18.23 -12.47 -13.82
N VAL B 37 18.80 -11.29 -13.99
CA VAL B 37 19.24 -10.47 -12.86
C VAL B 37 18.62 -9.07 -12.91
N LYS B 38 18.28 -8.55 -11.74
CA LYS B 38 17.67 -7.23 -11.60
C LYS B 38 18.63 -6.23 -10.96
N GLN B 39 18.67 -5.01 -11.50
CA GLN B 39 19.55 -3.98 -10.97
C GLN B 39 18.83 -2.64 -10.78
N ARG B 40 18.85 -2.13 -9.55
CA ARG B 40 18.21 -0.87 -9.22
C ARG B 40 19.26 0.16 -8.77
N PRO B 41 19.02 1.45 -9.04
CA PRO B 41 19.90 2.57 -8.71
C PRO B 41 20.79 2.41 -7.48
N GLY B 42 20.20 2.57 -6.30
CA GLY B 42 20.99 2.45 -5.07
C GLY B 42 20.86 1.13 -4.37
N ARG B 43 20.62 0.07 -5.14
CA ARG B 43 20.46 -1.26 -4.57
C ARG B 43 21.44 -2.27 -5.19
N GLY B 44 21.69 -3.34 -4.46
CA GLY B 44 22.58 -4.37 -4.97
C GLY B 44 21.83 -5.23 -5.97
N LEU B 45 22.59 -5.93 -6.81
CA LEU B 45 22.00 -6.80 -7.82
C LEU B 45 21.19 -7.90 -7.16
N GLU B 46 20.11 -8.33 -7.81
CA GLU B 46 19.26 -9.38 -7.28
C GLU B 46 19.04 -10.45 -8.33
N TRP B 47 19.22 -11.71 -7.93
CA TRP B 47 19.03 -12.82 -8.85
C TRP B 47 17.55 -13.21 -8.84
N ILE B 48 16.95 -13.26 -10.03
CA ILE B 48 15.54 -13.60 -10.16
C ILE B 48 15.31 -15.10 -10.33
N GLY B 49 16.03 -15.70 -11.27
CA GLY B 49 15.90 -17.12 -11.52
C GLY B 49 16.62 -17.54 -12.79
N ARG B 50 16.48 -18.81 -13.16
CA ARG B 50 17.15 -19.31 -14.36
C ARG B 50 16.22 -20.22 -15.14
N ILE B 51 16.49 -20.35 -16.44
CA ILE B 51 15.70 -21.22 -17.29
C ILE B 51 16.60 -21.86 -18.35
N ASP B 52 16.34 -23.14 -18.62
CA ASP B 52 17.11 -23.88 -19.61
C ASP B 52 16.26 -23.95 -20.87
N PRO B 53 16.62 -23.17 -21.90
CA PRO B 53 15.87 -23.14 -23.17
C PRO B 53 15.73 -24.50 -23.82
N ASN B 54 16.69 -25.39 -23.58
CA ASN B 54 16.65 -26.72 -24.16
C ASN B 54 15.55 -27.60 -23.56
N SER B 55 15.50 -27.67 -22.24
CA SER B 55 14.51 -28.50 -21.56
C SER B 55 13.27 -27.72 -21.13
N GLY B 56 13.47 -26.47 -20.74
CA GLY B 56 12.35 -25.66 -20.29
C GLY B 56 12.34 -25.61 -18.78
N GLY B 57 13.28 -26.32 -18.17
CA GLY B 57 13.38 -26.33 -16.71
C GLY B 57 13.64 -24.93 -16.18
N THR B 58 13.14 -24.67 -14.98
CA THR B 58 13.31 -23.38 -14.33
C THR B 58 13.62 -23.52 -12.85
N LYS B 59 14.12 -22.44 -12.27
CA LYS B 59 14.42 -22.41 -10.84
C LYS B 59 14.32 -20.93 -10.49
N TYR B 60 13.49 -20.61 -9.50
CA TYR B 60 13.28 -19.22 -9.09
C TYR B 60 13.77 -18.86 -7.70
N ASN B 61 14.04 -17.58 -7.52
CA ASN B 61 14.43 -17.02 -6.25
C ASN B 61 13.05 -16.92 -5.60
N GLU B 62 12.90 -17.49 -4.40
CA GLU B 62 11.60 -17.48 -3.72
C GLU B 62 10.93 -16.11 -3.73
N LYS B 63 11.73 -15.07 -3.57
CA LYS B 63 11.22 -13.70 -3.56
C LYS B 63 10.48 -13.28 -4.82
N PHE B 64 10.86 -13.84 -5.98
CA PHE B 64 10.20 -13.48 -7.23
C PHE B 64 9.23 -14.51 -7.77
N LYS B 65 8.99 -15.57 -7.00
CA LYS B 65 8.09 -16.63 -7.44
C LYS B 65 6.71 -16.16 -7.87
N SER B 66 6.15 -15.20 -7.14
CA SER B 66 4.81 -14.72 -7.47
C SER B 66 4.74 -13.65 -8.55
N LYS B 67 5.85 -12.97 -8.81
CA LYS B 67 5.84 -11.92 -9.83
C LYS B 67 6.53 -12.24 -11.15
N ALA B 68 7.49 -13.16 -11.13
CA ALA B 68 8.19 -13.50 -12.36
C ALA B 68 7.86 -14.89 -12.89
N THR B 69 7.72 -14.98 -14.22
CA THR B 69 7.42 -16.24 -14.88
C THR B 69 8.39 -16.39 -16.06
N LEU B 70 9.20 -17.44 -16.02
CA LEU B 70 10.17 -17.70 -17.07
C LEU B 70 9.66 -18.78 -18.02
N THR B 71 9.70 -18.49 -19.32
CA THR B 71 9.25 -19.44 -20.33
C THR B 71 10.22 -19.43 -21.50
N VAL B 72 10.03 -20.37 -22.42
CA VAL B 72 10.89 -20.44 -23.59
C VAL B 72 10.13 -20.94 -24.82
N ASP B 73 10.42 -20.32 -25.96
CA ASP B 73 9.82 -20.73 -27.22
C ASP B 73 10.91 -21.54 -27.91
N LYS B 74 10.91 -22.84 -27.67
CA LYS B 74 11.92 -23.73 -28.22
C LYS B 74 12.11 -23.58 -29.73
N PRO B 75 11.03 -23.42 -30.50
CA PRO B 75 11.16 -23.27 -31.95
C PRO B 75 12.06 -22.12 -32.38
N SER B 76 11.94 -20.97 -31.72
CA SER B 76 12.74 -19.80 -32.04
C SER B 76 13.91 -19.60 -31.08
N SER B 77 14.12 -20.57 -30.20
CA SER B 77 15.19 -20.50 -29.21
C SER B 77 15.22 -19.14 -28.51
N THR B 78 14.08 -18.75 -27.96
CA THR B 78 13.95 -17.48 -27.26
C THR B 78 13.43 -17.67 -25.83
N ALA B 79 14.10 -17.03 -24.87
CA ALA B 79 13.70 -17.12 -23.47
C ALA B 79 12.90 -15.86 -23.11
N TYR B 80 11.90 -16.02 -22.25
CA TYR B 80 11.06 -14.89 -21.84
C TYR B 80 10.90 -14.80 -20.33
N MET B 81 10.78 -13.57 -19.84
CA MET B 81 10.53 -13.33 -18.43
C MET B 81 9.38 -12.37 -18.32
N GLN B 82 8.28 -12.84 -17.74
CA GLN B 82 7.11 -12.00 -17.56
C GLN B 82 7.05 -11.52 -16.11
N LEU B 83 6.83 -10.23 -15.94
CA LEU B 83 6.72 -9.64 -14.62
C LEU B 83 5.28 -9.15 -14.50
N SER B 84 4.57 -9.65 -13.49
CA SER B 84 3.16 -9.28 -13.31
C SER B 84 2.91 -8.29 -12.17
N SER B 85 1.67 -7.79 -12.13
CA SER B 85 1.23 -6.83 -11.12
C SER B 85 2.33 -5.84 -10.79
N LEU B 86 2.81 -5.14 -11.81
CA LEU B 86 3.90 -4.19 -11.65
C LEU B 86 3.69 -3.09 -10.61
N THR B 87 4.78 -2.78 -9.92
CA THR B 87 4.82 -1.73 -8.90
C THR B 87 6.10 -0.95 -9.17
N SER B 88 6.22 0.22 -8.52
CA SER B 88 7.41 1.04 -8.69
C SER B 88 8.69 0.27 -8.35
N GLU B 89 8.54 -0.77 -7.54
CA GLU B 89 9.67 -1.59 -7.14
C GLU B 89 10.23 -2.40 -8.31
N ASP B 90 9.41 -2.55 -9.35
CA ASP B 90 9.82 -3.30 -10.53
C ASP B 90 10.58 -2.44 -11.54
N SER B 91 10.63 -1.14 -11.33
CA SER B 91 11.38 -0.27 -12.24
C SER B 91 12.85 -0.61 -12.03
N ALA B 92 13.54 -1.01 -13.11
CA ALA B 92 14.94 -1.37 -12.99
C ALA B 92 15.51 -1.81 -14.32
N VAL B 93 16.80 -2.16 -14.29
CA VAL B 93 17.48 -2.65 -15.48
C VAL B 93 17.59 -4.16 -15.27
N TYR B 94 17.19 -4.93 -16.29
CA TYR B 94 17.24 -6.37 -16.20
C TYR B 94 18.24 -6.94 -17.19
N TYR B 95 18.93 -7.99 -16.78
CA TYR B 95 19.93 -8.64 -17.63
C TYR B 95 19.67 -10.14 -17.73
N CYS B 96 19.91 -10.71 -18.90
CA CYS B 96 19.81 -12.15 -19.06
C CYS B 96 21.24 -12.61 -19.32
N THR B 97 21.59 -13.79 -18.85
CA THR B 97 22.94 -14.29 -19.04
C THR B 97 22.98 -15.50 -19.97
N ARG B 98 24.15 -15.72 -20.58
CA ARG B 98 24.34 -16.83 -21.50
C ARG B 98 25.66 -17.53 -21.16
N ARG B 99 25.66 -18.85 -21.17
CA ARG B 99 26.87 -19.60 -20.84
C ARG B 99 28.04 -19.41 -21.81
N ASP B 100 27.76 -19.04 -23.06
CA ASP B 100 28.84 -18.86 -24.03
C ASP B 100 29.15 -17.40 -24.34
N SER B 101 29.17 -16.58 -23.30
CA SER B 101 29.48 -15.16 -23.41
C SER B 101 29.91 -14.67 -22.03
N ASP B 102 31.07 -14.02 -21.94
CA ASP B 102 31.56 -13.52 -20.67
C ASP B 102 30.85 -12.24 -20.23
N TYR B 103 30.09 -11.65 -21.14
CA TYR B 103 29.33 -10.44 -20.84
C TYR B 103 27.86 -10.83 -20.72
N TRP B 104 27.16 -10.20 -19.77
CA TRP B 104 25.74 -10.48 -19.64
C TRP B 104 25.09 -9.79 -20.83
N GLY B 105 23.83 -10.11 -21.10
CA GLY B 105 23.14 -9.48 -22.21
C GLY B 105 23.09 -7.97 -21.98
N ALA B 106 22.78 -7.22 -23.03
CA ALA B 106 22.74 -5.76 -22.95
C ALA B 106 22.28 -5.23 -21.58
N GLY B 107 21.11 -4.63 -21.57
CA GLY B 107 20.55 -4.08 -20.34
C GLY B 107 19.17 -3.66 -20.82
N THR B 108 18.13 -4.23 -20.22
CA THR B 108 16.76 -3.93 -20.64
C THR B 108 16.03 -3.22 -19.51
N THR B 109 15.54 -2.03 -19.79
CA THR B 109 14.92 -1.21 -18.76
C THR B 109 13.41 -1.10 -18.73
N VAL B 110 12.86 -1.30 -17.54
CA VAL B 110 11.44 -1.20 -17.31
C VAL B 110 11.18 0.01 -16.43
N THR B 111 10.23 0.83 -16.84
CA THR B 111 9.84 1.98 -16.07
C THR B 111 8.37 1.76 -15.77
N VAL B 112 8.04 1.66 -14.49
CA VAL B 112 6.67 1.45 -14.06
C VAL B 112 6.12 2.78 -13.53
N SER B 113 5.20 3.36 -14.28
CA SER B 113 4.61 4.63 -13.90
C SER B 113 3.30 4.85 -14.65
N SER B 114 2.41 5.64 -14.06
CA SER B 114 1.14 5.92 -14.69
C SER B 114 1.20 7.22 -15.47
N ALA B 115 2.31 7.94 -15.34
CA ALA B 115 2.50 9.22 -16.03
C ALA B 115 2.53 8.98 -17.53
N SER B 116 1.88 9.85 -18.28
CA SER B 116 1.84 9.72 -19.74
C SER B 116 3.15 10.10 -20.39
N THR B 117 3.38 9.51 -21.56
CA THR B 117 4.59 9.79 -22.32
C THR B 117 4.52 11.22 -22.83
N LYS B 118 5.64 11.94 -22.73
CA LYS B 118 5.69 13.32 -23.18
C LYS B 118 7.04 13.60 -23.81
N GLY B 119 7.00 14.09 -25.05
CA GLY B 119 8.22 14.40 -25.75
C GLY B 119 8.86 15.65 -25.20
N PRO B 120 10.18 15.79 -25.37
CA PRO B 120 10.89 16.96 -24.86
C PRO B 120 10.88 18.17 -25.81
N SER B 121 11.30 19.30 -25.26
CA SER B 121 11.46 20.54 -26.01
C SER B 121 12.96 20.72 -25.95
N VAL B 122 13.59 21.06 -27.07
CA VAL B 122 15.03 21.24 -27.07
C VAL B 122 15.40 22.70 -27.25
N PHE B 123 16.25 23.20 -26.36
CA PHE B 123 16.67 24.58 -26.42
C PHE B 123 18.18 24.69 -26.55
N PRO B 124 18.65 25.74 -27.24
CA PRO B 124 20.10 25.91 -27.42
C PRO B 124 20.81 26.51 -26.21
N LEU B 125 22.05 26.08 -26.01
CA LEU B 125 22.91 26.61 -24.97
C LEU B 125 23.98 27.23 -25.86
N ALA B 126 23.80 28.50 -26.19
CA ALA B 126 24.72 29.20 -27.11
C ALA B 126 26.00 29.78 -26.52
N PRO B 127 27.09 29.72 -27.30
CA PRO B 127 28.42 30.22 -26.92
C PRO B 127 28.37 31.70 -26.56
N SER B 128 29.22 32.09 -25.62
CA SER B 128 29.30 33.48 -25.16
C SER B 128 29.23 34.49 -26.31
N SER B 129 28.10 35.18 -26.42
CA SER B 129 27.91 36.17 -27.47
C SER B 129 28.31 37.55 -26.95
N LYS B 130 28.91 38.36 -27.81
CA LYS B 130 29.36 39.70 -27.46
C LYS B 130 30.58 39.65 -26.54
N SER B 131 30.61 38.62 -25.68
CA SER B 131 31.71 38.45 -24.74
C SER B 131 32.35 37.08 -24.89
N THR B 132 32.71 36.72 -26.13
CA THR B 132 33.34 35.44 -26.40
C THR B 132 34.84 35.52 -26.18
N SER B 133 35.43 34.45 -25.64
CA SER B 133 36.86 34.41 -25.38
C SER B 133 37.62 34.03 -26.64
N GLY B 134 38.90 33.72 -26.49
CA GLY B 134 39.72 33.34 -27.63
C GLY B 134 40.24 31.92 -27.52
N GLY B 135 40.22 31.38 -26.30
CA GLY B 135 40.69 30.03 -26.09
C GLY B 135 39.69 28.98 -26.50
N THR B 136 39.01 28.40 -25.52
CA THR B 136 38.00 27.38 -25.79
C THR B 136 36.61 27.87 -25.42
N ALA B 137 35.63 27.54 -26.26
CA ALA B 137 34.25 27.94 -26.02
C ALA B 137 33.42 26.69 -25.76
N ALA B 138 32.21 26.90 -25.25
CA ALA B 138 31.31 25.79 -24.97
C ALA B 138 29.91 26.11 -25.46
N LEU B 139 29.23 25.07 -25.94
CA LEU B 139 27.87 25.21 -26.43
C LEU B 139 27.17 23.89 -26.11
N GLY B 140 25.86 23.85 -26.31
CA GLY B 140 25.16 22.61 -26.01
C GLY B 140 23.68 22.68 -26.28
N CYS B 141 22.97 21.68 -25.78
CA CYS B 141 21.53 21.58 -25.94
C CYS B 141 20.89 21.14 -24.63
N LEU B 142 19.80 21.81 -24.28
CA LEU B 142 19.03 21.49 -23.08
C LEU B 142 17.78 20.76 -23.57
N VAL B 143 17.62 19.50 -23.14
CA VAL B 143 16.48 18.69 -23.53
C VAL B 143 15.55 18.67 -22.32
N LYS B 144 14.51 19.48 -22.36
CA LYS B 144 13.62 19.63 -21.21
C LYS B 144 12.21 19.06 -21.27
N ASP B 145 11.75 18.65 -20.10
CA ASP B 145 10.41 18.12 -19.87
C ASP B 145 9.96 16.92 -20.69
N TYR B 146 10.56 15.77 -20.40
CA TYR B 146 10.17 14.56 -21.11
C TYR B 146 9.96 13.41 -20.14
N PHE B 147 9.25 12.40 -20.61
CA PHE B 147 8.98 11.20 -19.83
C PHE B 147 8.52 10.12 -20.79
N PRO B 148 8.98 8.88 -20.60
CA PRO B 148 9.92 8.44 -19.56
C PRO B 148 11.33 8.54 -20.12
N GLU B 149 12.30 8.01 -19.38
CA GLU B 149 13.65 7.98 -19.89
C GLU B 149 13.58 6.87 -20.94
N PRO B 150 14.58 6.77 -21.83
CA PRO B 150 15.77 7.61 -21.95
C PRO B 150 15.74 8.53 -23.16
N VAL B 151 16.69 9.46 -23.18
CA VAL B 151 16.89 10.39 -24.27
C VAL B 151 18.37 10.21 -24.63
N THR B 152 18.68 10.20 -25.93
CA THR B 152 20.06 10.07 -26.36
C THR B 152 20.43 11.36 -27.08
N VAL B 153 21.71 11.72 -27.05
CA VAL B 153 22.18 12.91 -27.74
C VAL B 153 23.52 12.63 -28.41
N SER B 154 23.63 13.05 -29.66
CA SER B 154 24.84 12.90 -30.43
C SER B 154 25.12 14.28 -31.01
N TRP B 155 26.34 14.51 -31.45
CA TRP B 155 26.68 15.78 -32.07
C TRP B 155 27.18 15.51 -33.49
N ASN B 156 26.65 16.27 -34.44
CA ASN B 156 27.00 16.12 -35.85
C ASN B 156 26.87 14.66 -36.28
N SER B 157 25.78 14.04 -35.83
CA SER B 157 25.46 12.65 -36.14
C SER B 157 26.55 11.65 -35.79
N GLY B 158 27.33 11.98 -34.76
CA GLY B 158 28.39 11.09 -34.33
C GLY B 158 29.76 11.50 -34.83
N ALA B 159 29.82 12.48 -35.72
CA ALA B 159 31.10 12.93 -36.26
C ALA B 159 31.89 13.70 -35.21
N LEU B 160 31.18 14.35 -34.29
CA LEU B 160 31.83 15.13 -33.23
C LEU B 160 31.73 14.39 -31.90
N THR B 161 32.89 13.96 -31.38
CA THR B 161 32.92 13.24 -30.10
C THR B 161 33.89 13.86 -29.10
N SER B 162 34.93 14.51 -29.59
CA SER B 162 35.89 15.12 -28.69
C SER B 162 35.29 16.29 -27.91
N GLY B 163 35.46 16.27 -26.60
CA GLY B 163 34.95 17.34 -25.77
C GLY B 163 33.47 17.30 -25.46
N VAL B 164 32.78 16.24 -25.87
CA VAL B 164 31.35 16.14 -25.59
C VAL B 164 31.08 15.57 -24.21
N HIS B 165 30.10 16.15 -23.53
CA HIS B 165 29.71 15.68 -22.21
C HIS B 165 28.18 15.66 -22.16
N THR B 166 27.61 14.46 -22.17
CA THR B 166 26.15 14.34 -22.09
C THR B 166 25.86 13.89 -20.66
N PHE B 167 25.20 14.76 -19.92
CA PHE B 167 24.88 14.55 -18.52
C PHE B 167 23.73 13.62 -18.18
N PRO B 168 23.76 13.02 -16.98
CA PRO B 168 22.69 12.13 -16.57
C PRO B 168 21.46 13.00 -16.46
N ALA B 169 20.30 12.45 -16.77
CA ALA B 169 19.06 13.21 -16.69
C ALA B 169 18.77 13.51 -15.22
N VAL B 170 18.00 14.57 -15.00
CA VAL B 170 17.61 14.96 -13.64
C VAL B 170 16.08 14.92 -13.63
N LEU B 171 15.52 14.36 -12.55
CA LEU B 171 14.07 14.28 -12.41
C LEU B 171 13.59 15.55 -11.71
N GLN B 172 12.75 16.31 -12.40
CA GLN B 172 12.21 17.55 -11.85
C GLN B 172 11.03 17.29 -10.91
N SER B 173 10.70 18.28 -10.08
CA SER B 173 9.60 18.12 -9.14
C SER B 173 8.28 17.90 -9.88
N SER B 174 8.25 18.26 -11.15
CA SER B 174 7.05 18.10 -11.98
C SER B 174 6.84 16.63 -12.36
N GLY B 175 7.90 15.83 -12.22
CA GLY B 175 7.80 14.43 -12.57
C GLY B 175 8.37 14.19 -13.95
N LEU B 176 8.83 15.27 -14.60
CA LEU B 176 9.41 15.16 -15.93
C LEU B 176 10.92 15.29 -15.84
N TYR B 177 11.63 14.67 -16.78
CA TYR B 177 13.08 14.71 -16.80
C TYR B 177 13.63 15.84 -17.66
N SER B 178 14.88 16.18 -17.39
CA SER B 178 15.61 17.20 -18.15
C SER B 178 17.03 16.68 -18.29
N LEU B 179 17.63 16.94 -19.44
CA LEU B 179 18.98 16.47 -19.70
C LEU B 179 19.75 17.50 -20.52
N SER B 180 21.03 17.67 -20.20
CA SER B 180 21.85 18.63 -20.94
C SER B 180 23.03 17.92 -21.57
N SER B 181 23.41 18.38 -22.75
CA SER B 181 24.58 17.82 -23.45
C SER B 181 25.38 19.03 -23.91
N VAL B 182 26.68 19.03 -23.64
CA VAL B 182 27.52 20.14 -24.06
C VAL B 182 28.77 19.66 -24.77
N VAL B 183 29.42 20.59 -25.46
CA VAL B 183 30.65 20.27 -26.17
C VAL B 183 31.53 21.51 -26.17
N THR B 184 32.82 21.32 -25.93
CA THR B 184 33.76 22.42 -25.93
C THR B 184 34.52 22.38 -27.24
N VAL B 185 34.69 23.54 -27.85
CA VAL B 185 35.38 23.63 -29.14
C VAL B 185 36.19 24.92 -29.21
N PRO B 186 37.14 25.00 -30.15
CA PRO B 186 37.96 26.20 -30.30
C PRO B 186 37.08 27.41 -30.59
N SER B 187 37.31 28.50 -29.86
CA SER B 187 36.53 29.72 -30.04
C SER B 187 36.61 30.24 -31.46
N SER B 188 37.64 29.82 -32.19
CA SER B 188 37.83 30.27 -33.57
C SER B 188 36.97 29.51 -34.58
N SER B 189 36.53 28.32 -34.22
CA SER B 189 35.72 27.51 -35.12
C SER B 189 34.26 27.95 -35.11
N LEU B 190 33.88 28.77 -34.13
CA LEU B 190 32.52 29.24 -34.01
C LEU B 190 32.04 30.02 -35.23
N GLY B 191 32.98 30.52 -36.02
CA GLY B 191 32.61 31.29 -37.20
C GLY B 191 32.50 30.49 -38.48
N THR B 192 32.88 29.21 -38.44
CA THR B 192 32.82 28.39 -39.63
C THR B 192 32.11 27.04 -39.43
N GLN B 193 32.65 26.22 -38.52
CA GLN B 193 32.11 24.91 -38.24
C GLN B 193 30.67 24.91 -37.72
N THR B 194 29.88 23.94 -38.18
CA THR B 194 28.49 23.80 -37.76
C THR B 194 28.43 22.79 -36.62
N TYR B 195 27.59 23.07 -35.64
CA TYR B 195 27.44 22.19 -34.49
C TYR B 195 25.95 21.87 -34.31
N ILE B 196 25.60 20.61 -34.54
CA ILE B 196 24.22 20.18 -34.43
C ILE B 196 24.07 19.08 -33.40
N CYS B 197 23.13 19.25 -32.47
CA CYS B 197 22.89 18.19 -31.50
C CYS B 197 21.70 17.39 -32.02
N ASN B 198 21.87 16.07 -32.05
CA ASN B 198 20.83 15.16 -32.52
C ASN B 198 20.20 14.55 -31.28
N VAL B 199 18.95 14.91 -31.03
CA VAL B 199 18.23 14.43 -29.85
C VAL B 199 17.17 13.41 -30.24
N ASN B 200 17.11 12.31 -29.50
CA ASN B 200 16.10 11.30 -29.78
C ASN B 200 15.46 10.80 -28.50
N HIS B 201 14.13 10.86 -28.47
CA HIS B 201 13.36 10.36 -27.34
C HIS B 201 12.48 9.29 -27.95
N LYS B 202 13.03 8.09 -28.06
CA LYS B 202 12.32 6.97 -28.66
C LYS B 202 10.91 6.73 -28.10
N PRO B 203 10.75 6.81 -26.77
CA PRO B 203 9.41 6.58 -26.20
C PRO B 203 8.29 7.40 -26.86
N SER B 204 8.58 8.63 -27.27
CA SER B 204 7.57 9.48 -27.89
C SER B 204 7.79 9.62 -29.39
N ASN B 205 8.73 8.85 -29.92
CA ASN B 205 9.06 8.92 -31.34
C ASN B 205 9.41 10.36 -31.71
N THR B 206 10.15 11.02 -30.83
CA THR B 206 10.56 12.40 -31.05
C THR B 206 12.04 12.51 -31.38
N LYS B 207 12.34 13.05 -32.55
CA LYS B 207 13.72 13.26 -32.99
C LYS B 207 13.85 14.72 -33.40
N VAL B 208 14.94 15.34 -32.94
CA VAL B 208 15.21 16.74 -33.25
C VAL B 208 16.70 16.95 -33.53
N ASP B 209 16.98 17.74 -34.57
CA ASP B 209 18.36 18.10 -34.89
C ASP B 209 18.37 19.60 -34.71
N LYS B 210 19.22 20.11 -33.83
CA LYS B 210 19.27 21.55 -33.62
C LYS B 210 20.66 22.10 -33.81
N LYS B 211 20.78 23.09 -34.70
CA LYS B 211 22.06 23.73 -34.95
C LYS B 211 22.21 24.78 -33.88
N ILE B 212 23.37 24.80 -33.23
CA ILE B 212 23.63 25.76 -32.15
C ILE B 212 24.73 26.73 -32.54
N VAL B 213 24.43 28.02 -32.50
CA VAL B 213 25.41 29.04 -32.85
C VAL B 213 25.31 30.24 -31.91
N PRO B 214 26.38 31.05 -31.82
CA PRO B 214 26.34 32.22 -30.95
C PRO B 214 25.18 33.09 -31.41
N LYS B 215 24.37 33.58 -30.48
CA LYS B 215 23.23 34.41 -30.85
C LYS B 215 23.68 35.80 -31.27
N SER B 216 22.98 36.39 -32.22
CA SER B 216 23.31 37.73 -32.71
C SER B 216 22.67 38.81 -31.86
N GLU C 1 -40.11 7.70 -5.04
CA GLU C 1 -39.75 8.53 -3.84
C GLU C 1 -38.45 9.28 -4.09
N LEU C 2 -38.08 10.12 -3.13
CA LEU C 2 -36.86 10.89 -3.24
C LEU C 2 -35.70 10.05 -2.72
N VAL C 3 -34.70 9.85 -3.58
CA VAL C 3 -33.53 9.06 -3.22
C VAL C 3 -32.35 9.90 -2.73
N MET C 4 -31.78 9.51 -1.59
CA MET C 4 -30.62 10.20 -1.03
C MET C 4 -29.39 9.31 -1.27
N THR C 5 -28.50 9.76 -2.14
CA THR C 5 -27.30 9.01 -2.47
C THR C 5 -26.15 9.47 -1.60
N GLN C 6 -25.72 8.60 -0.69
CA GLN C 6 -24.65 8.91 0.24
C GLN C 6 -23.32 8.28 -0.19
N THR C 7 -22.25 9.05 -0.06
CA THR C 7 -20.91 8.58 -0.41
C THR C 7 -19.85 9.16 0.51
N PRO C 8 -18.80 8.39 0.83
CA PRO C 8 -18.58 7.01 0.36
C PRO C 8 -19.38 6.04 1.24
N LYS C 9 -19.24 4.75 0.97
CA LYS C 9 -19.96 3.75 1.75
C LYS C 9 -19.12 3.30 2.94
N PHE C 10 -17.79 3.34 2.77
CA PHE C 10 -16.88 2.96 3.83
C PHE C 10 -15.71 3.91 3.87
N MET C 11 -15.21 4.19 5.08
CA MET C 11 -14.10 5.12 5.22
C MET C 11 -13.22 4.75 6.42
N SER C 12 -11.91 4.83 6.23
CA SER C 12 -10.96 4.56 7.31
C SER C 12 -10.21 5.86 7.53
N THR C 13 -10.35 6.41 8.73
CA THR C 13 -9.73 7.68 9.07
C THR C 13 -8.87 7.58 10.33
N SER C 14 -7.68 8.17 10.30
CA SER C 14 -6.82 8.11 11.47
C SER C 14 -7.29 9.18 12.47
N VAL C 15 -7.00 8.96 13.76
CA VAL C 15 -7.40 9.91 14.76
C VAL C 15 -6.74 11.27 14.45
N GLY C 16 -7.52 12.33 14.53
CA GLY C 16 -7.01 13.67 14.25
C GLY C 16 -7.32 14.17 12.85
N ASP C 17 -7.66 13.26 11.95
CA ASP C 17 -7.95 13.64 10.58
C ASP C 17 -9.39 14.11 10.39
N ARG C 18 -9.67 14.68 9.23
CA ARG C 18 -10.99 15.18 8.92
C ARG C 18 -11.78 14.16 8.11
N VAL C 19 -13.09 14.10 8.38
CA VAL C 19 -13.99 13.18 7.70
C VAL C 19 -14.97 14.02 6.89
N SER C 20 -15.17 13.66 5.63
CA SER C 20 -16.11 14.37 4.78
C SER C 20 -17.06 13.36 4.13
N ILE C 21 -18.35 13.48 4.41
CA ILE C 21 -19.36 12.58 3.87
C ILE C 21 -20.40 13.40 3.12
N THR C 22 -20.80 12.93 1.94
CA THR C 22 -21.79 13.67 1.17
C THR C 22 -23.08 12.90 0.89
N CYS C 23 -24.16 13.66 0.71
CA CYS C 23 -25.45 13.07 0.38
C CYS C 23 -26.06 13.94 -0.71
N LYS C 24 -26.48 13.30 -1.80
CA LYS C 24 -27.07 13.96 -2.95
C LYS C 24 -28.53 13.58 -3.07
N ALA C 25 -29.42 14.58 -3.04
CA ALA C 25 -30.85 14.32 -3.16
C ALA C 25 -31.24 14.33 -4.63
N SER C 26 -32.09 13.38 -5.03
CA SER C 26 -32.52 13.28 -6.42
C SER C 26 -33.40 14.45 -6.86
N GLN C 27 -33.97 15.16 -5.89
CA GLN C 27 -34.79 16.33 -6.16
C GLN C 27 -34.48 17.36 -5.08
N ASN C 28 -34.76 18.63 -5.36
CA ASN C 28 -34.48 19.70 -4.40
C ASN C 28 -35.24 19.47 -3.09
N VAL C 29 -34.53 19.49 -1.97
CA VAL C 29 -35.16 19.28 -0.66
C VAL C 29 -34.92 20.46 0.29
N GLY C 30 -34.53 21.60 -0.27
CA GLY C 30 -34.27 22.79 0.52
C GLY C 30 -33.20 22.52 1.56
N THR C 31 -33.53 22.70 2.84
CA THR C 31 -32.57 22.43 3.89
C THR C 31 -33.18 21.42 4.86
N ALA C 32 -34.20 20.70 4.38
CA ALA C 32 -34.87 19.69 5.21
C ALA C 32 -34.05 18.41 5.23
N VAL C 33 -32.85 18.49 5.80
CA VAL C 33 -31.95 17.33 5.88
C VAL C 33 -31.41 17.18 7.30
N ALA C 34 -31.26 15.94 7.75
CA ALA C 34 -30.72 15.67 9.07
C ALA C 34 -29.61 14.64 8.96
N TRP C 35 -28.68 14.64 9.93
CA TRP C 35 -27.58 13.69 9.94
C TRP C 35 -27.61 12.92 11.25
N TYR C 36 -27.40 11.60 11.18
CA TYR C 36 -27.42 10.75 12.36
C TYR C 36 -26.12 9.96 12.51
N GLN C 37 -25.82 9.61 13.75
CA GLN C 37 -24.63 8.83 14.08
C GLN C 37 -25.10 7.59 14.84
N GLN C 38 -24.71 6.42 14.40
CA GLN C 38 -25.11 5.19 15.08
C GLN C 38 -23.89 4.38 15.47
N LYS C 39 -23.58 4.37 16.76
CA LYS C 39 -22.43 3.64 17.26
C LYS C 39 -22.78 2.18 17.48
N PRO C 40 -21.78 1.29 17.45
CA PRO C 40 -22.02 -0.14 17.65
C PRO C 40 -22.88 -0.47 18.87
N GLY C 41 -23.90 -1.28 18.64
CA GLY C 41 -24.80 -1.68 19.70
C GLY C 41 -25.71 -0.60 20.22
N GLN C 42 -25.74 0.56 19.56
CA GLN C 42 -26.58 1.67 20.00
C GLN C 42 -27.60 2.06 18.94
N SER C 43 -28.55 2.89 19.34
CA SER C 43 -29.57 3.40 18.43
C SER C 43 -29.00 4.66 17.81
N PRO C 44 -29.54 5.08 16.65
CA PRO C 44 -29.06 6.29 15.98
C PRO C 44 -29.27 7.54 16.84
N LYS C 45 -28.32 8.47 16.74
CA LYS C 45 -28.36 9.73 17.49
C LYS C 45 -28.39 10.91 16.53
N LEU C 46 -29.30 11.84 16.76
CA LEU C 46 -29.39 13.02 15.89
C LEU C 46 -28.23 13.98 16.13
N LEU C 47 -27.51 14.32 15.06
CA LEU C 47 -26.38 15.24 15.16
C LEU C 47 -26.72 16.61 14.60
N ILE C 48 -27.26 16.62 13.38
CA ILE C 48 -27.60 17.85 12.67
C ILE C 48 -29.04 17.85 12.15
N TYR C 49 -29.73 18.98 12.28
CA TYR C 49 -31.08 19.09 11.76
C TYR C 49 -31.17 20.34 10.89
N SER C 50 -32.15 20.38 10.00
CA SER C 50 -32.32 21.49 9.06
C SER C 50 -31.00 21.83 8.37
N ALA C 51 -30.31 20.77 7.93
CA ALA C 51 -29.05 20.88 7.18
C ALA C 51 -27.79 21.37 7.90
N SER C 52 -27.91 22.40 8.71
CA SER C 52 -26.73 22.96 9.36
C SER C 52 -26.80 23.23 10.86
N ASN C 53 -27.91 22.89 11.50
CA ASN C 53 -28.03 23.16 12.93
C ASN C 53 -27.58 21.98 13.80
N ARG C 54 -26.64 22.25 14.71
CA ARG C 54 -26.13 21.23 15.61
C ARG C 54 -27.11 21.02 16.75
N TYR C 55 -27.45 19.75 17.03
CA TYR C 55 -28.36 19.46 18.12
C TYR C 55 -27.63 19.82 19.41
N THR C 56 -28.38 20.22 20.44
CA THR C 56 -27.76 20.59 21.71
C THR C 56 -26.81 19.49 22.18
N GLY C 57 -25.61 19.88 22.59
CA GLY C 57 -24.64 18.91 23.09
C GLY C 57 -23.65 18.38 22.06
N VAL C 58 -24.00 18.40 20.78
CA VAL C 58 -23.07 17.91 19.76
C VAL C 58 -21.91 18.89 19.60
N PRO C 59 -20.67 18.38 19.70
CA PRO C 59 -19.47 19.22 19.57
C PRO C 59 -19.32 19.90 18.21
N ASP C 60 -18.61 21.02 18.22
CA ASP C 60 -18.36 21.80 17.01
C ASP C 60 -17.62 21.02 15.93
N ARG C 61 -17.01 19.90 16.30
CA ARG C 61 -16.29 19.07 15.35
C ARG C 61 -17.20 18.56 14.24
N PHE C 62 -18.49 18.44 14.55
CA PHE C 62 -19.48 17.96 13.60
C PHE C 62 -20.16 19.15 12.93
N THR C 63 -20.04 19.24 11.61
CA THR C 63 -20.64 20.35 10.88
C THR C 63 -21.44 19.88 9.68
N GLY C 64 -22.68 20.36 9.59
CA GLY C 64 -23.54 20.01 8.49
C GLY C 64 -23.62 21.23 7.58
N SER C 65 -23.60 21.00 6.27
CA SER C 65 -23.68 22.11 5.32
C SER C 65 -24.40 21.70 4.05
N GLY C 66 -24.75 22.69 3.24
CA GLY C 66 -25.44 22.40 2.00
C GLY C 66 -26.91 22.77 1.95
N SER C 67 -27.44 22.83 0.73
CA SER C 67 -28.84 23.17 0.51
C SER C 67 -29.20 22.71 -0.91
N GLY C 68 -30.49 22.57 -1.18
CA GLY C 68 -30.92 22.14 -2.50
C GLY C 68 -30.81 20.64 -2.68
N THR C 69 -29.73 20.19 -3.33
CA THR C 69 -29.55 18.77 -3.54
C THR C 69 -28.23 18.21 -3.01
N ASP C 70 -27.27 19.09 -2.72
CA ASP C 70 -25.96 18.64 -2.25
C ASP C 70 -25.71 18.98 -0.79
N PHE C 71 -25.55 17.94 0.02
CA PHE C 71 -25.31 18.10 1.45
C PHE C 71 -24.02 17.44 1.90
N THR C 72 -23.43 17.97 2.96
CA THR C 72 -22.17 17.45 3.47
C THR C 72 -22.14 17.42 4.99
N LEU C 73 -21.53 16.37 5.54
CA LEU C 73 -21.34 16.27 6.97
C LEU C 73 -19.83 16.20 7.10
N THR C 74 -19.27 17.11 7.89
CA THR C 74 -17.82 17.15 8.09
C THR C 74 -17.49 16.91 9.56
N ILE C 75 -16.54 16.01 9.80
CA ILE C 75 -16.10 15.71 11.16
C ILE C 75 -14.61 16.02 11.23
N SER C 76 -14.25 17.02 12.02
CA SER C 76 -12.84 17.37 12.15
C SER C 76 -12.26 16.76 13.40
N ASN C 77 -10.93 16.65 13.44
CA ASN C 77 -10.23 16.10 14.59
C ASN C 77 -10.86 14.80 15.08
N MET C 78 -10.99 13.85 14.16
CA MET C 78 -11.59 12.54 14.43
C MET C 78 -11.06 11.92 15.72
N GLN C 79 -11.98 11.44 16.56
CA GLN C 79 -11.62 10.81 17.83
C GLN C 79 -11.87 9.31 17.71
N SER C 80 -11.12 8.51 18.45
CA SER C 80 -11.28 7.06 18.38
C SER C 80 -12.72 6.63 18.66
N GLU C 81 -13.43 7.41 19.47
CA GLU C 81 -14.81 7.10 19.82
C GLU C 81 -15.82 7.50 18.76
N ASP C 82 -15.35 8.18 17.71
CA ASP C 82 -16.27 8.61 16.64
C ASP C 82 -16.57 7.52 15.63
N LEU C 83 -15.96 6.35 15.77
CA LEU C 83 -16.23 5.28 14.83
C LEU C 83 -17.72 4.96 14.91
N ALA C 84 -18.35 4.75 13.75
CA ALA C 84 -19.77 4.47 13.71
C ALA C 84 -20.30 4.59 12.30
N ASP C 85 -21.60 4.35 12.15
CA ASP C 85 -22.26 4.48 10.87
C ASP C 85 -22.96 5.84 10.89
N TYR C 86 -22.78 6.62 9.83
CA TYR C 86 -23.41 7.93 9.71
C TYR C 86 -24.40 7.89 8.55
N PHE C 87 -25.60 8.40 8.77
CA PHE C 87 -26.65 8.40 7.75
C PHE C 87 -27.30 9.78 7.64
N CYS C 88 -27.74 10.13 6.43
CA CYS C 88 -28.46 11.39 6.22
C CYS C 88 -29.93 11.05 6.02
N GLN C 89 -30.78 12.08 6.03
CA GLN C 89 -32.24 11.92 5.86
C GLN C 89 -32.79 13.23 5.24
N GLN C 90 -33.86 13.17 4.44
CA GLN C 90 -34.39 14.40 3.79
C GLN C 90 -35.74 15.07 4.12
N TYR C 91 -36.53 14.50 5.00
CA TYR C 91 -37.85 15.03 5.39
C TYR C 91 -38.55 16.22 4.68
N SER C 92 -38.25 16.44 3.40
CA SER C 92 -38.90 17.50 2.62
C SER C 92 -40.08 16.90 1.88
N SER C 93 -39.83 15.73 1.31
CA SER C 93 -40.82 14.98 0.54
C SER C 93 -41.20 13.67 1.22
N TYR C 94 -42.47 13.31 1.11
CA TYR C 94 -42.97 12.06 1.67
C TYR C 94 -42.99 11.01 0.56
N PRO C 95 -42.59 9.77 0.89
CA PRO C 95 -42.15 9.35 2.22
C PRO C 95 -40.76 9.86 2.57
N LEU C 96 -40.50 10.02 3.88
CA LEU C 96 -39.19 10.45 4.35
C LEU C 96 -38.22 9.34 3.93
N THR C 97 -37.03 9.72 3.47
CA THR C 97 -36.04 8.73 3.03
C THR C 97 -34.68 8.98 3.63
N PHE C 98 -33.86 7.92 3.68
CA PHE C 98 -32.51 7.97 4.26
C PHE C 98 -31.43 7.58 3.26
N GLY C 99 -30.22 8.08 3.50
CA GLY C 99 -29.09 7.74 2.66
C GLY C 99 -28.66 6.33 3.07
N GLY C 100 -27.84 5.68 2.24
CA GLY C 100 -27.41 4.32 2.52
C GLY C 100 -26.48 4.15 3.70
N GLY C 101 -25.88 5.25 4.16
CA GLY C 101 -24.97 5.21 5.28
C GLY C 101 -23.51 5.12 4.91
N THR C 102 -22.66 5.58 5.82
CA THR C 102 -21.21 5.54 5.64
C THR C 102 -20.62 4.94 6.90
N LYS C 103 -19.87 3.86 6.75
CA LYS C 103 -19.25 3.23 7.90
C LYS C 103 -17.86 3.83 8.06
N VAL C 104 -17.65 4.52 9.16
CA VAL C 104 -16.36 5.16 9.44
C VAL C 104 -15.58 4.33 10.44
N GLU C 105 -14.42 3.86 10.02
CA GLU C 105 -13.54 3.06 10.86
C GLU C 105 -12.34 3.90 11.23
N ILE C 106 -11.71 3.56 12.36
CA ILE C 106 -10.53 4.28 12.80
C ILE C 106 -9.29 3.59 12.24
N LYS C 107 -8.40 4.37 11.62
CA LYS C 107 -7.18 3.81 11.06
C LYS C 107 -6.07 4.04 12.09
N ARG C 108 -5.39 2.96 12.47
CA ARG C 108 -4.31 3.05 13.44
C ARG C 108 -3.11 2.26 12.95
N THR C 109 -2.04 2.25 13.74
CA THR C 109 -0.85 1.52 13.39
C THR C 109 -1.16 0.02 13.38
N VAL C 110 -0.42 -0.73 12.58
CA VAL C 110 -0.63 -2.17 12.48
C VAL C 110 -0.40 -2.85 13.84
N ALA C 111 -1.31 -3.75 14.19
CA ALA C 111 -1.26 -4.51 15.43
C ALA C 111 -1.57 -5.96 15.08
N ALA C 112 -0.63 -6.86 15.37
CA ALA C 112 -0.82 -8.26 15.05
C ALA C 112 -1.76 -8.91 16.07
N PRO C 113 -2.46 -9.96 15.65
CA PRO C 113 -3.38 -10.65 16.57
C PRO C 113 -2.70 -11.61 17.53
N SER C 114 -3.29 -11.78 18.69
CA SER C 114 -2.78 -12.74 19.68
C SER C 114 -3.66 -13.95 19.35
N VAL C 115 -3.03 -15.08 19.05
CA VAL C 115 -3.76 -16.28 18.65
C VAL C 115 -3.89 -17.37 19.71
N PHE C 116 -5.09 -17.95 19.80
CA PHE C 116 -5.38 -19.02 20.74
C PHE C 116 -6.22 -20.08 20.03
N ILE C 117 -5.97 -21.36 20.35
CA ILE C 117 -6.73 -22.45 19.78
C ILE C 117 -7.38 -23.24 20.92
N PHE C 118 -8.62 -23.68 20.71
CA PHE C 118 -9.39 -24.41 21.71
C PHE C 118 -9.89 -25.77 21.21
N PRO C 119 -9.55 -26.84 21.93
CA PRO C 119 -10.00 -28.17 21.51
C PRO C 119 -11.47 -28.34 21.87
N PRO C 120 -12.15 -29.33 21.26
CA PRO C 120 -13.55 -29.52 21.59
C PRO C 120 -13.64 -30.10 22.99
N SER C 121 -14.72 -29.82 23.70
CA SER C 121 -14.89 -30.33 25.05
C SER C 121 -15.34 -31.78 25.01
N ASP C 122 -15.03 -32.51 26.07
CA ASP C 122 -15.44 -33.91 26.13
C ASP C 122 -16.96 -33.94 26.12
N GLU C 123 -17.57 -32.93 26.71
CA GLU C 123 -19.03 -32.85 26.77
C GLU C 123 -19.65 -32.78 25.38
N GLN C 124 -19.11 -31.94 24.52
CA GLN C 124 -19.65 -31.83 23.17
C GLN C 124 -19.41 -33.13 22.41
N LEU C 125 -18.20 -33.67 22.51
CA LEU C 125 -17.86 -34.90 21.83
C LEU C 125 -18.86 -36.01 22.15
N LYS C 126 -19.32 -36.05 23.39
CA LYS C 126 -20.29 -37.06 23.80
C LYS C 126 -21.61 -36.89 23.03
N SER C 127 -21.83 -35.70 22.50
CA SER C 127 -23.05 -35.42 21.76
C SER C 127 -22.91 -35.79 20.28
N GLY C 128 -21.69 -36.14 19.88
CA GLY C 128 -21.45 -36.53 18.50
C GLY C 128 -20.85 -35.49 17.58
N THR C 129 -20.47 -34.34 18.13
CA THR C 129 -19.90 -33.27 17.33
C THR C 129 -18.65 -32.66 17.96
N ALA C 130 -17.78 -32.12 17.11
CA ALA C 130 -16.56 -31.50 17.58
C ALA C 130 -16.39 -30.11 16.98
N SER C 131 -16.37 -29.11 17.85
CA SER C 131 -16.16 -27.74 17.41
C SER C 131 -14.78 -27.32 17.88
N VAL C 132 -13.93 -26.89 16.96
CA VAL C 132 -12.58 -26.45 17.30
C VAL C 132 -12.57 -24.95 17.05
N VAL C 133 -12.14 -24.18 18.04
CA VAL C 133 -12.17 -22.73 17.91
C VAL C 133 -10.80 -22.06 17.93
N CYS C 134 -10.66 -21.04 17.08
CA CYS C 134 -9.44 -20.27 16.98
C CYS C 134 -9.77 -18.80 17.21
N LEU C 135 -9.10 -18.19 18.19
CA LEU C 135 -9.33 -16.79 18.51
C LEU C 135 -8.16 -15.92 18.07
N LEU C 136 -8.48 -14.82 17.37
CA LEU C 136 -7.50 -13.84 16.93
C LEU C 136 -7.91 -12.60 17.72
N ASN C 137 -7.07 -12.20 18.66
CA ASN C 137 -7.41 -11.09 19.55
C ASN C 137 -6.70 -9.75 19.33
N ASN C 138 -7.49 -8.68 19.41
CA ASN C 138 -7.02 -7.30 19.29
C ASN C 138 -6.01 -6.99 18.20
N PHE C 139 -6.49 -7.01 16.95
CA PHE C 139 -5.61 -6.73 15.82
C PHE C 139 -6.16 -5.65 14.91
N TYR C 140 -5.30 -5.15 14.03
CA TYR C 140 -5.66 -4.14 13.04
C TYR C 140 -4.61 -4.17 11.94
N PRO C 141 -5.03 -4.07 10.66
CA PRO C 141 -6.40 -3.92 10.15
C PRO C 141 -7.29 -5.16 10.28
N ARG C 142 -8.55 -5.01 9.92
CA ARG C 142 -9.53 -6.08 10.02
C ARG C 142 -9.22 -7.30 9.15
N GLU C 143 -8.57 -7.07 8.00
CA GLU C 143 -8.22 -8.17 7.09
C GLU C 143 -7.30 -9.18 7.77
N ALA C 144 -7.70 -10.44 7.77
CA ALA C 144 -6.92 -11.51 8.37
C ALA C 144 -7.34 -12.83 7.75
N LYS C 145 -6.41 -13.77 7.67
CA LYS C 145 -6.73 -15.07 7.09
C LYS C 145 -6.44 -16.21 8.05
N VAL C 146 -7.45 -17.04 8.27
CA VAL C 146 -7.31 -18.20 9.16
C VAL C 146 -7.40 -19.45 8.31
N GLN C 147 -6.39 -20.31 8.40
CA GLN C 147 -6.39 -21.55 7.64
C GLN C 147 -6.30 -22.72 8.62
N TRP C 148 -7.33 -23.56 8.60
CA TRP C 148 -7.36 -24.72 9.48
C TRP C 148 -6.62 -25.86 8.79
N LYS C 149 -5.82 -26.57 9.57
CA LYS C 149 -5.10 -27.72 9.06
C LYS C 149 -5.29 -28.90 10.01
N VAL C 150 -5.60 -30.06 9.45
CA VAL C 150 -5.78 -31.26 10.25
C VAL C 150 -4.81 -32.29 9.66
N ASP C 151 -3.78 -32.62 10.44
CA ASP C 151 -2.74 -33.53 10.00
C ASP C 151 -2.20 -33.02 8.67
N ASN C 152 -1.99 -31.71 8.63
CA ASN C 152 -1.46 -30.99 7.48
C ASN C 152 -2.39 -30.84 6.28
N ALA C 153 -3.62 -31.33 6.41
CA ALA C 153 -4.58 -31.20 5.33
C ALA C 153 -5.31 -29.86 5.48
N LEU C 154 -5.25 -29.02 4.45
CA LEU C 154 -5.92 -27.72 4.52
C LEU C 154 -7.44 -27.88 4.40
N GLN C 155 -8.16 -27.36 5.39
CA GLN C 155 -9.63 -27.45 5.43
C GLN C 155 -10.30 -26.29 4.70
N SER C 156 -11.47 -26.57 4.12
CA SER C 156 -12.24 -25.54 3.44
C SER C 156 -13.70 -25.99 3.42
N GLY C 157 -14.60 -25.03 3.61
CA GLY C 157 -16.02 -25.34 3.60
C GLY C 157 -16.61 -25.79 4.91
N ASN C 158 -15.77 -26.10 5.90
CA ASN C 158 -16.26 -26.57 7.19
C ASN C 158 -15.94 -25.64 8.37
N SER C 159 -15.76 -24.37 8.07
CA SER C 159 -15.49 -23.39 9.11
C SER C 159 -16.29 -22.12 8.89
N GLN C 160 -16.54 -21.39 9.98
CA GLN C 160 -17.26 -20.13 9.93
C GLN C 160 -16.58 -19.20 10.91
N GLU C 161 -16.62 -17.90 10.64
CA GLU C 161 -15.99 -16.95 11.52
C GLU C 161 -16.84 -15.69 11.63
N SER C 162 -16.58 -14.92 12.69
CA SER C 162 -17.28 -13.67 12.90
C SER C 162 -16.29 -12.71 13.54
N VAL C 163 -16.53 -11.42 13.35
CA VAL C 163 -15.64 -10.40 13.88
C VAL C 163 -16.38 -9.40 14.73
N THR C 164 -15.76 -8.97 15.81
CA THR C 164 -16.38 -7.98 16.71
C THR C 164 -16.32 -6.61 16.04
N GLU C 165 -17.10 -5.68 16.57
CA GLU C 165 -17.09 -4.32 16.06
C GLU C 165 -15.81 -3.69 16.56
N GLN C 166 -15.30 -2.71 15.84
CA GLN C 166 -14.05 -2.06 16.25
C GLN C 166 -14.10 -1.49 17.65
N ASP C 167 -13.06 -1.76 18.44
CA ASP C 167 -12.98 -1.29 19.82
C ASP C 167 -12.88 0.23 19.88
N SER C 168 -13.76 0.85 20.66
CA SER C 168 -13.80 2.30 20.81
C SER C 168 -12.59 2.91 21.50
N LYS C 169 -11.81 2.08 22.19
CA LYS C 169 -10.64 2.56 22.90
C LYS C 169 -9.32 2.36 22.15
N ASP C 170 -9.00 1.11 21.80
CA ASP C 170 -7.75 0.84 21.09
C ASP C 170 -7.90 0.67 19.59
N SER C 171 -9.13 0.79 19.09
CA SER C 171 -9.41 0.68 17.67
C SER C 171 -9.07 -0.67 17.03
N THR C 172 -9.09 -1.74 17.82
CA THR C 172 -8.78 -3.05 17.26
C THR C 172 -10.00 -3.92 17.04
N TYR C 173 -9.77 -5.04 16.37
CA TYR C 173 -10.81 -6.02 16.07
C TYR C 173 -10.39 -7.34 16.69
N SER C 174 -11.35 -8.24 16.84
CA SER C 174 -11.08 -9.59 17.34
C SER C 174 -11.90 -10.49 16.42
N LEU C 175 -11.41 -11.70 16.20
CA LEU C 175 -12.08 -12.63 15.32
C LEU C 175 -12.06 -14.04 15.89
N SER C 176 -13.15 -14.78 15.68
CA SER C 176 -13.24 -16.14 16.17
C SER C 176 -13.64 -17.03 15.00
N SER C 177 -12.90 -18.11 14.80
CA SER C 177 -13.17 -19.06 13.73
C SER C 177 -13.48 -20.41 14.34
N THR C 178 -14.51 -21.07 13.81
CA THR C 178 -14.89 -22.37 14.31
C THR C 178 -14.87 -23.42 13.22
N LEU C 179 -14.12 -24.49 13.47
CA LEU C 179 -14.02 -25.63 12.55
C LEU C 179 -14.95 -26.68 13.14
N THR C 180 -15.90 -27.14 12.34
CA THR C 180 -16.84 -28.14 12.84
C THR C 180 -16.70 -29.47 12.12
N LEU C 181 -16.54 -30.53 12.90
CA LEU C 181 -16.40 -31.88 12.37
C LEU C 181 -17.27 -32.82 13.20
N SER C 182 -17.59 -33.98 12.66
CA SER C 182 -18.38 -34.94 13.42
C SER C 182 -17.39 -35.57 14.41
N LYS C 183 -17.90 -36.20 15.46
CA LYS C 183 -17.02 -36.84 16.43
C LYS C 183 -16.19 -37.92 15.73
N ALA C 184 -16.84 -38.64 14.83
CA ALA C 184 -16.18 -39.72 14.10
C ALA C 184 -15.00 -39.17 13.28
N ASP C 185 -15.22 -38.09 12.54
CA ASP C 185 -14.16 -37.49 11.73
C ASP C 185 -13.05 -36.93 12.61
N TYR C 186 -13.44 -36.31 13.73
CA TYR C 186 -12.47 -35.75 14.65
C TYR C 186 -11.51 -36.84 15.12
N GLU C 187 -12.03 -38.03 15.38
CA GLU C 187 -11.20 -39.12 15.86
C GLU C 187 -10.42 -39.88 14.78
N LYS C 188 -10.28 -39.28 13.60
CA LYS C 188 -9.53 -39.91 12.52
C LYS C 188 -8.22 -39.18 12.29
N HIS C 189 -7.99 -38.12 13.06
CA HIS C 189 -6.77 -37.32 12.91
C HIS C 189 -6.13 -36.97 14.25
N LYS C 190 -4.88 -36.53 14.21
CA LYS C 190 -4.16 -36.18 15.42
C LYS C 190 -3.90 -34.71 15.65
N VAL C 191 -3.25 -34.06 14.69
CA VAL C 191 -2.90 -32.65 14.82
C VAL C 191 -3.92 -31.65 14.27
N TYR C 192 -4.40 -30.78 15.15
CA TYR C 192 -5.36 -29.75 14.75
C TYR C 192 -4.65 -28.42 14.89
N ALA C 193 -4.61 -27.65 13.80
CA ALA C 193 -3.91 -26.38 13.81
C ALA C 193 -4.64 -25.23 13.14
N CYS C 194 -4.40 -24.03 13.67
CA CYS C 194 -4.99 -22.81 13.14
C CYS C 194 -3.83 -21.94 12.71
N GLU C 195 -3.70 -21.70 11.41
CA GLU C 195 -2.62 -20.87 10.88
C GLU C 195 -3.16 -19.49 10.54
N VAL C 196 -2.58 -18.46 11.16
CA VAL C 196 -3.02 -17.09 10.95
C VAL C 196 -2.06 -16.24 10.13
N THR C 197 -2.61 -15.54 9.15
CA THR C 197 -1.84 -14.65 8.29
C THR C 197 -2.40 -13.26 8.50
N HIS C 198 -1.53 -12.28 8.73
CA HIS C 198 -1.96 -10.92 8.98
C HIS C 198 -0.81 -9.95 8.70
N GLN C 199 -1.17 -8.75 8.27
CA GLN C 199 -0.21 -7.71 7.93
C GLN C 199 0.82 -7.47 9.03
N GLY C 200 0.40 -7.62 10.29
CA GLY C 200 1.30 -7.39 11.40
C GLY C 200 2.19 -8.56 11.76
N LEU C 201 2.09 -9.65 10.98
CA LEU C 201 2.89 -10.84 11.23
C LEU C 201 3.84 -11.08 10.06
N SER C 202 5.14 -10.89 10.28
CA SER C 202 6.13 -11.10 9.23
C SER C 202 6.04 -12.52 8.69
N SER C 203 5.67 -13.45 9.56
CA SER C 203 5.50 -14.85 9.18
C SER C 203 4.20 -15.33 9.83
N PRO C 204 3.45 -16.21 9.16
CA PRO C 204 2.21 -16.69 9.76
C PRO C 204 2.42 -17.37 11.12
N VAL C 205 1.44 -17.21 11.99
CA VAL C 205 1.49 -17.81 13.33
C VAL C 205 0.55 -18.99 13.36
N THR C 206 1.02 -20.11 13.89
CA THR C 206 0.21 -21.31 13.98
C THR C 206 0.09 -21.79 15.43
N LYS C 207 -1.14 -22.10 15.83
CA LYS C 207 -1.42 -22.60 17.17
C LYS C 207 -2.03 -23.98 16.92
N SER C 208 -1.66 -24.96 17.72
CA SER C 208 -2.21 -26.29 17.52
C SER C 208 -2.21 -27.16 18.77
N PHE C 209 -2.84 -28.33 18.63
CA PHE C 209 -2.92 -29.30 19.71
C PHE C 209 -3.08 -30.68 19.10
N ASN C 210 -2.73 -31.70 19.88
CA ASN C 210 -2.88 -33.07 19.42
C ASN C 210 -4.08 -33.65 20.15
N ARG C 211 -4.99 -34.25 19.40
CA ARG C 211 -6.18 -34.85 19.99
C ARG C 211 -5.74 -35.87 21.04
N ASN C 212 -6.30 -35.76 22.25
CA ASN C 212 -5.96 -36.66 23.34
C ASN C 212 -6.71 -36.28 24.61
N GLU C 213 -6.24 -36.77 25.75
CA GLU C 213 -6.86 -36.50 27.04
C GLU C 213 -8.36 -36.80 27.02
N GLN D 1 -51.21 -10.62 17.27
CA GLN D 1 -51.14 -11.66 18.34
C GLN D 1 -49.93 -11.42 19.25
N VAL D 2 -48.74 -11.62 18.70
CA VAL D 2 -47.50 -11.45 19.46
C VAL D 2 -47.28 -9.99 19.88
N GLN D 3 -47.08 -9.78 21.17
CA GLN D 3 -46.82 -8.45 21.70
C GLN D 3 -45.30 -8.28 21.83
N LEU D 4 -44.80 -7.14 21.38
CA LEU D 4 -43.36 -6.90 21.41
C LEU D 4 -43.03 -5.56 22.06
N LEU D 5 -42.40 -5.61 23.23
CA LEU D 5 -42.02 -4.40 23.95
C LEU D 5 -40.76 -3.78 23.33
N GLU D 6 -40.63 -2.47 23.47
CA GLU D 6 -39.46 -1.78 22.96
C GLU D 6 -38.20 -2.47 23.49
N SER D 7 -37.25 -2.70 22.58
CA SER D 7 -35.95 -3.34 22.88
C SER D 7 -36.02 -4.86 22.88
N GLY D 8 -37.23 -5.41 22.75
CA GLY D 8 -37.36 -6.86 22.76
C GLY D 8 -37.04 -7.49 21.42
N ALA D 9 -37.27 -8.80 21.32
CA ALA D 9 -37.02 -9.57 20.10
C ALA D 9 -38.00 -10.73 20.12
N GLU D 10 -38.81 -10.85 19.07
CA GLU D 10 -39.79 -11.92 19.04
C GLU D 10 -39.90 -12.61 17.69
N LEU D 11 -40.14 -13.92 17.75
CA LEU D 11 -40.33 -14.74 16.57
C LEU D 11 -41.82 -14.78 16.27
N VAL D 12 -42.19 -14.51 15.02
CA VAL D 12 -43.59 -14.51 14.63
C VAL D 12 -43.75 -15.33 13.35
N LYS D 13 -44.87 -16.06 13.25
CA LYS D 13 -45.15 -16.89 12.09
C LYS D 13 -45.60 -16.08 10.88
N PRO D 14 -45.22 -16.53 9.67
CA PRO D 14 -45.62 -15.81 8.46
C PRO D 14 -47.15 -15.82 8.43
N GLY D 15 -47.75 -14.73 7.97
CA GLY D 15 -49.20 -14.67 7.90
C GLY D 15 -49.87 -14.14 9.15
N ALA D 16 -49.15 -14.17 10.28
CA ALA D 16 -49.69 -13.68 11.54
C ALA D 16 -49.41 -12.19 11.67
N SER D 17 -49.58 -11.65 12.87
CA SER D 17 -49.32 -10.23 13.08
C SER D 17 -48.54 -10.01 14.36
N VAL D 18 -47.98 -8.81 14.51
CA VAL D 18 -47.22 -8.48 15.70
C VAL D 18 -47.50 -7.01 16.03
N LYS D 19 -47.44 -6.69 17.32
CA LYS D 19 -47.71 -5.33 17.77
C LYS D 19 -46.58 -4.85 18.67
N LEU D 20 -45.86 -3.83 18.20
CA LEU D 20 -44.76 -3.25 18.95
C LEU D 20 -45.26 -2.07 19.78
N SER D 21 -44.64 -1.84 20.93
CA SER D 21 -45.04 -0.74 21.79
C SER D 21 -43.87 0.19 22.08
N CYS D 22 -44.19 1.45 22.36
CA CYS D 22 -43.17 2.46 22.65
C CYS D 22 -43.81 3.52 23.54
N LYS D 23 -43.31 3.64 24.77
CA LYS D 23 -43.83 4.60 25.71
C LYS D 23 -43.33 6.02 25.49
N ALA D 24 -44.22 6.99 25.59
CA ALA D 24 -43.83 8.38 25.44
C ALA D 24 -43.08 8.77 26.70
N SER D 25 -42.27 9.83 26.62
CA SER D 25 -41.48 10.26 27.77
C SER D 25 -42.37 10.67 28.95
N GLY D 26 -43.53 11.22 28.63
CA GLY D 26 -44.44 11.66 29.67
C GLY D 26 -44.40 13.18 29.84
N TYR D 27 -43.46 13.83 29.17
CA TYR D 27 -43.31 15.27 29.24
C TYR D 27 -44.44 15.96 28.47
N THR D 28 -44.85 17.12 28.98
CA THR D 28 -45.93 17.89 28.36
C THR D 28 -45.50 18.71 27.16
N PHE D 29 -46.16 18.48 26.03
CA PHE D 29 -45.89 19.18 24.79
C PHE D 29 -47.22 19.29 24.04
N THR D 30 -47.35 20.28 23.17
CA THR D 30 -48.57 20.43 22.39
C THR D 30 -48.69 19.19 21.52
N SER D 31 -47.63 18.90 20.78
CA SER D 31 -47.56 17.75 19.90
C SER D 31 -46.37 16.90 20.32
N TYR D 32 -46.43 15.60 20.04
CA TYR D 32 -45.34 14.70 20.39
C TYR D 32 -45.20 13.64 19.30
N TRP D 33 -44.94 14.07 18.08
CA TRP D 33 -44.80 13.14 16.96
C TRP D 33 -43.72 12.08 17.16
N MET D 34 -44.13 10.83 17.12
CA MET D 34 -43.24 9.69 17.27
C MET D 34 -43.20 8.99 15.93
N HIS D 35 -42.00 8.81 15.39
CA HIS D 35 -41.82 8.16 14.10
C HIS D 35 -41.36 6.71 14.26
N TRP D 36 -41.69 5.87 13.28
CA TRP D 36 -41.30 4.47 13.30
C TRP D 36 -40.42 4.22 12.08
N VAL D 37 -39.25 3.61 12.31
CA VAL D 37 -38.31 3.35 11.22
C VAL D 37 -37.91 1.89 11.20
N LYS D 38 -37.73 1.37 9.99
CA LYS D 38 -37.38 -0.03 9.78
C LYS D 38 -35.95 -0.18 9.26
N GLN D 39 -35.22 -1.16 9.77
CA GLN D 39 -33.85 -1.39 9.35
C GLN D 39 -33.56 -2.87 9.06
N ARG D 40 -33.11 -3.14 7.85
CA ARG D 40 -32.78 -4.50 7.42
C ARG D 40 -31.30 -4.60 7.10
N PRO D 41 -30.71 -5.78 7.34
CA PRO D 41 -29.29 -6.10 7.12
C PRO D 41 -28.58 -5.31 6.00
N GLY D 42 -28.82 -5.70 4.76
CA GLY D 42 -28.17 -5.03 3.64
C GLY D 42 -29.04 -4.00 2.95
N ARG D 43 -29.95 -3.39 3.69
CA ARG D 43 -30.84 -2.40 3.11
C ARG D 43 -30.77 -1.07 3.84
N GLY D 44 -31.18 -0.01 3.17
CA GLY D 44 -31.17 1.30 3.79
C GLY D 44 -32.38 1.42 4.71
N LEU D 45 -32.31 2.36 5.65
CA LEU D 45 -33.40 2.59 6.58
C LEU D 45 -34.65 3.01 5.81
N GLU D 46 -35.81 2.62 6.32
CA GLU D 46 -37.08 2.97 5.68
C GLU D 46 -38.02 3.58 6.71
N TRP D 47 -38.64 4.70 6.34
CA TRP D 47 -39.57 5.37 7.23
C TRP D 47 -40.96 4.76 7.07
N ILE D 48 -41.57 4.36 8.17
CA ILE D 48 -42.89 3.74 8.13
C ILE D 48 -44.03 4.75 8.30
N GLY D 49 -43.91 5.61 9.31
CA GLY D 49 -44.94 6.61 9.55
C GLY D 49 -44.74 7.27 10.91
N ARG D 50 -45.67 8.14 11.27
CA ARG D 50 -45.59 8.85 12.54
C ARG D 50 -46.95 8.93 13.21
N ILE D 51 -46.94 9.08 14.53
CA ILE D 51 -48.17 9.20 15.28
C ILE D 51 -47.98 10.18 16.43
N ASP D 52 -49.00 10.99 16.68
CA ASP D 52 -48.97 11.97 17.76
C ASP D 52 -49.79 11.40 18.91
N PRO D 53 -49.13 10.92 19.96
CA PRO D 53 -49.81 10.34 21.12
C PRO D 53 -50.83 11.28 21.76
N ASN D 54 -50.61 12.58 21.63
CA ASN D 54 -51.51 13.55 22.23
C ASN D 54 -52.86 13.61 21.51
N SER D 55 -52.83 13.75 20.19
CA SER D 55 -54.04 13.83 19.39
C SER D 55 -54.50 12.50 18.81
N GLY D 56 -53.53 11.67 18.43
CA GLY D 56 -53.86 10.39 17.83
C GLY D 56 -53.67 10.48 16.34
N GLY D 57 -53.32 11.66 15.86
CA GLY D 57 -53.11 11.85 14.44
C GLY D 57 -51.99 10.95 13.93
N THR D 58 -52.09 10.55 12.67
CA THR D 58 -51.08 9.68 12.05
C THR D 58 -50.78 10.11 10.63
N LYS D 59 -49.68 9.62 10.09
CA LYS D 59 -49.28 9.89 8.72
C LYS D 59 -48.43 8.70 8.34
N TYR D 60 -48.78 8.03 7.25
CA TYR D 60 -48.04 6.85 6.81
C TYR D 60 -47.30 6.97 5.49
N ASN D 61 -46.28 6.15 5.35
CA ASN D 61 -45.52 6.04 4.12
C ASN D 61 -46.49 5.18 3.30
N GLU D 62 -46.84 5.63 2.11
CA GLU D 62 -47.77 4.89 1.26
C GLU D 62 -47.45 3.40 1.18
N LYS D 63 -46.17 3.08 1.12
CA LYS D 63 -45.72 1.69 1.03
C LYS D 63 -46.15 0.81 2.21
N PHE D 64 -46.31 1.39 3.38
CA PHE D 64 -46.69 0.60 4.55
C PHE D 64 -48.14 0.77 4.98
N LYS D 65 -48.92 1.50 4.20
CA LYS D 65 -50.32 1.75 4.53
C LYS D 65 -51.14 0.49 4.77
N SER D 66 -50.93 -0.54 3.97
CA SER D 66 -51.68 -1.78 4.12
C SER D 66 -51.16 -2.75 5.18
N LYS D 67 -49.91 -2.62 5.57
CA LYS D 67 -49.36 -3.53 6.58
C LYS D 67 -49.15 -2.96 7.97
N ALA D 68 -48.98 -1.65 8.09
CA ALA D 68 -48.77 -1.04 9.39
C ALA D 68 -49.95 -0.23 9.90
N THR D 69 -50.22 -0.34 11.18
CA THR D 69 -51.30 0.41 11.82
C THR D 69 -50.76 1.03 13.11
N LEU D 70 -50.76 2.35 13.17
CA LEU D 70 -50.27 3.06 14.35
C LEU D 70 -51.43 3.51 15.22
N THR D 71 -51.33 3.22 16.51
CA THR D 71 -52.36 3.60 17.47
C THR D 71 -51.72 4.09 18.76
N VAL D 72 -52.54 4.63 19.65
CA VAL D 72 -52.03 5.12 20.91
C VAL D 72 -53.03 4.93 22.03
N ASP D 73 -52.53 4.54 23.20
CA ASP D 73 -53.36 4.37 24.38
C ASP D 73 -53.08 5.63 25.20
N LYS D 74 -53.88 6.67 24.97
CA LYS D 74 -53.71 7.93 25.66
C LYS D 74 -53.59 7.82 27.18
N PRO D 75 -54.40 6.96 27.80
CA PRO D 75 -54.34 6.80 29.25
C PRO D 75 -52.96 6.43 29.79
N SER D 76 -52.29 5.51 29.10
CA SER D 76 -50.96 5.07 29.53
C SER D 76 -49.84 5.71 28.71
N SER D 77 -50.20 6.67 27.86
CA SER D 77 -49.24 7.36 27.02
C SER D 77 -48.31 6.38 26.32
N THR D 78 -48.90 5.43 25.62
CA THR D 78 -48.13 4.41 24.90
C THR D 78 -48.52 4.36 23.42
N ALA D 79 -47.51 4.35 22.55
CA ALA D 79 -47.73 4.27 21.11
C ALA D 79 -47.53 2.84 20.64
N TYR D 80 -48.34 2.40 19.67
CA TYR D 80 -48.26 1.04 19.16
C TYR D 80 -48.19 0.99 17.63
N MET D 81 -47.47 0.00 17.12
CA MET D 81 -47.38 -0.22 15.69
C MET D 81 -47.65 -1.69 15.44
N GLN D 82 -48.76 -1.96 14.75
CA GLN D 82 -49.13 -3.32 14.40
C GLN D 82 -48.75 -3.61 12.96
N LEU D 83 -48.09 -4.73 12.75
CA LEU D 83 -47.69 -5.16 11.42
C LEU D 83 -48.49 -6.42 11.12
N SER D 84 -49.26 -6.40 10.03
CA SER D 84 -50.10 -7.53 9.67
C SER D 84 -49.57 -8.38 8.52
N SER D 85 -50.21 -9.53 8.31
CA SER D 85 -49.86 -10.47 7.25
C SER D 85 -48.36 -10.53 7.05
N LEU D 86 -47.65 -10.87 8.11
CA LEU D 86 -46.20 -10.93 8.08
C LEU D 86 -45.58 -11.82 7.03
N THR D 87 -44.47 -11.33 6.46
CA THR D 87 -43.70 -12.03 5.45
C THR D 87 -42.24 -11.89 5.86
N SER D 88 -41.36 -12.66 5.23
CA SER D 88 -39.93 -12.60 5.54
C SER D 88 -39.40 -11.19 5.38
N GLU D 89 -40.09 -10.39 4.56
CA GLU D 89 -39.68 -9.01 4.30
C GLU D 89 -39.86 -8.14 5.54
N ASP D 90 -40.68 -8.62 6.48
CA ASP D 90 -40.94 -7.87 7.71
C ASP D 90 -39.92 -8.16 8.80
N SER D 91 -39.03 -9.13 8.58
CA SER D 91 -37.99 -9.42 9.56
C SER D 91 -37.04 -8.23 9.56
N ALA D 92 -36.86 -7.58 10.71
CA ALA D 92 -36.00 -6.42 10.76
C ALA D 92 -35.95 -5.83 12.16
N VAL D 93 -35.15 -4.77 12.31
CA VAL D 93 -35.04 -4.06 13.56
C VAL D 93 -35.86 -2.80 13.38
N TYR D 94 -36.75 -2.53 14.34
CA TYR D 94 -37.61 -1.35 14.27
C TYR D 94 -37.27 -0.38 15.38
N TYR D 95 -37.36 0.91 15.07
CA TYR D 95 -37.06 1.96 16.04
C TYR D 95 -38.21 2.95 16.11
N CYS D 96 -38.49 3.45 17.32
CA CYS D 96 -39.50 4.50 17.47
C CYS D 96 -38.69 5.72 17.91
N THR D 97 -39.13 6.90 17.50
CA THR D 97 -38.42 8.13 17.85
C THR D 97 -39.22 9.02 18.79
N ARG D 98 -38.51 9.86 19.54
CA ARG D 98 -39.14 10.78 20.49
C ARG D 98 -38.52 12.17 20.32
N ARG D 99 -39.34 13.20 20.35
CA ARG D 99 -38.83 14.57 20.17
C ARG D 99 -37.90 15.05 21.27
N ASP D 100 -38.01 14.49 22.47
CA ASP D 100 -37.15 14.91 23.57
C ASP D 100 -36.02 13.96 23.91
N SER D 101 -35.40 13.39 22.88
CA SER D 101 -34.28 12.48 23.02
C SER D 101 -33.51 12.47 21.70
N ASP D 102 -32.21 12.70 21.76
CA ASP D 102 -31.39 12.73 20.55
C ASP D 102 -31.11 11.32 20.02
N TYR D 103 -31.42 10.31 20.83
CA TYR D 103 -31.23 8.93 20.42
C TYR D 103 -32.60 8.32 20.12
N TRP D 104 -32.68 7.49 19.09
CA TRP D 104 -33.92 6.83 18.78
C TRP D 104 -34.10 5.78 19.87
N GLY D 105 -35.30 5.24 19.99
CA GLY D 105 -35.54 4.22 21.00
C GLY D 105 -34.63 3.03 20.75
N ALA D 106 -34.49 2.16 21.75
CA ALA D 106 -33.62 1.00 21.64
C ALA D 106 -33.51 0.42 20.23
N GLY D 107 -34.03 -0.77 20.06
CA GLY D 107 -34.01 -1.45 18.78
C GLY D 107 -34.86 -2.66 19.07
N THR D 108 -35.97 -2.81 18.36
CA THR D 108 -36.89 -3.93 18.58
C THR D 108 -36.90 -4.83 17.37
N THR D 109 -36.58 -6.10 17.58
CA THR D 109 -36.46 -7.05 16.49
C THR D 109 -37.57 -8.06 16.27
N VAL D 110 -37.99 -8.14 15.02
CA VAL D 110 -39.01 -9.09 14.61
C VAL D 110 -38.34 -10.12 13.70
N THR D 111 -38.56 -11.40 13.99
CA THR D 111 -38.03 -12.47 13.15
C THR D 111 -39.23 -13.24 12.62
N VAL D 112 -39.45 -13.17 11.31
CA VAL D 112 -40.57 -13.87 10.71
C VAL D 112 -40.07 -15.20 10.13
N SER D 113 -40.56 -16.29 10.70
CA SER D 113 -40.15 -17.63 10.26
C SER D 113 -41.09 -18.72 10.75
N SER D 114 -41.15 -19.81 9.99
CA SER D 114 -41.99 -20.93 10.36
C SER D 114 -41.22 -21.88 11.28
N ALA D 115 -39.90 -21.69 11.36
CA ALA D 115 -39.05 -22.54 12.19
C ALA D 115 -39.38 -22.48 13.67
N SER D 116 -39.19 -23.62 14.33
CA SER D 116 -39.47 -23.74 15.76
C SER D 116 -38.32 -23.20 16.60
N THR D 117 -38.65 -22.79 17.81
CA THR D 117 -37.66 -22.29 18.74
C THR D 117 -36.84 -23.46 19.24
N LYS D 118 -35.53 -23.24 19.40
CA LYS D 118 -34.65 -24.30 19.88
C LYS D 118 -33.58 -23.67 20.79
N GLY D 119 -33.45 -24.20 22.00
CA GLY D 119 -32.48 -23.70 22.96
C GLY D 119 -31.08 -24.18 22.63
N PRO D 120 -30.04 -23.43 23.04
CA PRO D 120 -28.65 -23.82 22.77
C PRO D 120 -28.02 -24.77 23.76
N SER D 121 -26.87 -25.31 23.37
CA SER D 121 -26.07 -26.18 24.21
C SER D 121 -24.84 -25.31 24.43
N VAL D 122 -24.33 -25.26 25.65
CA VAL D 122 -23.17 -24.43 25.93
C VAL D 122 -21.96 -25.29 26.24
N PHE D 123 -20.85 -25.03 25.55
CA PHE D 123 -19.64 -25.80 25.78
C PHE D 123 -18.49 -24.90 26.18
N PRO D 124 -17.58 -25.41 27.01
CA PRO D 124 -16.44 -24.61 27.46
C PRO D 124 -15.31 -24.50 26.43
N LEU D 125 -14.66 -23.34 26.43
CA LEU D 125 -13.49 -23.09 25.59
C LEU D 125 -12.45 -22.92 26.69
N ALA D 126 -11.81 -24.03 27.06
CA ALA D 126 -10.84 -24.01 28.16
C ALA D 126 -9.43 -23.54 27.84
N PRO D 127 -8.80 -22.84 28.80
CA PRO D 127 -7.43 -22.30 28.70
C PRO D 127 -6.42 -23.41 28.41
N SER D 128 -5.37 -23.08 27.66
CA SER D 128 -4.33 -24.03 27.30
C SER D 128 -3.91 -24.92 28.47
N SER D 129 -4.30 -26.19 28.42
CA SER D 129 -3.95 -27.13 29.48
C SER D 129 -2.66 -27.85 29.11
N LYS D 130 -1.84 -28.13 30.12
CA LYS D 130 -0.56 -28.82 29.93
C LYS D 130 0.45 -27.90 29.24
N SER D 131 -0.05 -27.04 28.34
CA SER D 131 0.80 -26.11 27.60
C SER D 131 0.33 -24.68 27.79
N THR D 132 0.13 -24.27 29.05
CA THR D 132 -0.30 -22.92 29.35
C THR D 132 0.89 -21.97 29.41
N SER D 133 0.70 -20.75 28.92
CA SER D 133 1.76 -19.75 28.93
C SER D 133 1.85 -19.06 30.30
N GLY D 134 2.60 -17.96 30.34
CA GLY D 134 2.76 -17.23 31.59
C GLY D 134 2.22 -15.82 31.50
N GLY D 135 2.06 -15.34 30.27
CA GLY D 135 1.54 -13.99 30.07
C GLY D 135 0.05 -13.91 30.24
N THR D 136 -0.66 -13.85 29.11
CA THR D 136 -2.12 -13.77 29.15
C THR D 136 -2.76 -15.03 28.56
N ALA D 137 -3.84 -15.48 29.19
CA ALA D 137 -4.53 -16.66 28.72
C ALA D 137 -5.92 -16.27 28.26
N ALA D 138 -6.58 -17.18 27.55
CA ALA D 138 -7.92 -16.92 27.04
C ALA D 138 -8.82 -18.12 27.30
N LEU D 139 -10.07 -17.84 27.59
CA LEU D 139 -11.06 -18.87 27.83
C LEU D 139 -12.37 -18.35 27.30
N GLY D 140 -13.40 -19.18 27.26
CA GLY D 140 -14.67 -18.70 26.76
C GLY D 140 -15.76 -19.74 26.78
N CYS D 141 -16.85 -19.43 26.10
CA CYS D 141 -17.99 -20.32 26.00
C CYS D 141 -18.53 -20.31 24.57
N LEU D 142 -18.83 -21.51 24.08
CA LEU D 142 -19.40 -21.69 22.75
C LEU D 142 -20.88 -22.00 22.95
N VAL D 143 -21.74 -21.14 22.42
CA VAL D 143 -23.20 -21.31 22.56
C VAL D 143 -23.66 -21.81 21.20
N LYS D 144 -23.92 -23.12 21.11
CA LYS D 144 -24.28 -23.71 19.83
C LYS D 144 -25.69 -24.22 19.60
N ASP D 145 -26.10 -24.11 18.34
CA ASP D 145 -27.38 -24.59 17.85
C ASP D 145 -28.65 -24.04 18.49
N TYR D 146 -28.93 -22.78 18.25
CA TYR D 146 -30.12 -22.16 18.81
C TYR D 146 -30.88 -21.38 17.75
N PHE D 147 -32.14 -21.10 18.04
CA PHE D 147 -32.99 -20.34 17.15
C PHE D 147 -34.23 -19.91 17.95
N PRO D 148 -34.67 -18.66 17.78
CA PRO D 148 -34.09 -17.65 16.89
C PRO D 148 -33.09 -16.84 17.69
N GLU D 149 -32.60 -15.75 17.12
CA GLU D 149 -31.71 -14.88 17.87
C GLU D 149 -32.67 -14.16 18.81
N PRO D 150 -32.15 -13.50 19.87
CA PRO D 150 -30.76 -13.37 20.24
C PRO D 150 -30.37 -14.17 21.48
N VAL D 151 -29.07 -14.24 21.72
CA VAL D 151 -28.49 -14.89 22.88
C VAL D 151 -27.61 -13.82 23.49
N THR D 152 -27.60 -13.71 24.81
CA THR D 152 -26.75 -12.73 25.48
C THR D 152 -25.76 -13.50 26.35
N VAL D 153 -24.59 -12.91 26.57
CA VAL D 153 -23.57 -13.56 27.40
C VAL D 153 -22.90 -12.51 28.28
N SER D 154 -22.76 -12.86 29.56
CA SER D 154 -22.11 -12.01 30.53
C SER D 154 -21.09 -12.89 31.23
N TRP D 155 -20.11 -12.29 31.88
CA TRP D 155 -19.14 -13.06 32.63
C TRP D 155 -19.20 -12.65 34.09
N ASN D 156 -19.23 -13.64 34.97
CA ASN D 156 -19.32 -13.41 36.41
C ASN D 156 -20.46 -12.45 36.74
N SER D 157 -21.60 -12.67 36.07
CA SER D 157 -22.80 -11.86 36.24
C SER D 157 -22.61 -10.36 36.04
N GLY D 158 -21.64 -10.01 35.20
CA GLY D 158 -21.39 -8.61 34.92
C GLY D 158 -20.21 -8.04 35.67
N ALA D 159 -19.66 -8.83 36.60
CA ALA D 159 -18.51 -8.35 37.37
C ALA D 159 -17.24 -8.33 36.54
N LEU D 160 -17.18 -9.19 35.53
CA LEU D 160 -16.02 -9.27 34.65
C LEU D 160 -16.36 -8.68 33.28
N THR D 161 -15.72 -7.56 32.95
CA THR D 161 -15.95 -6.89 31.67
C THR D 161 -14.67 -6.63 30.88
N SER D 162 -13.55 -6.46 31.58
CA SER D 162 -12.29 -6.21 30.91
C SER D 162 -11.82 -7.42 30.11
N GLY D 163 -11.47 -7.19 28.84
CA GLY D 163 -10.99 -8.27 28.01
C GLY D 163 -12.05 -9.20 27.43
N VAL D 164 -13.32 -8.89 27.64
CA VAL D 164 -14.39 -9.75 27.12
C VAL D 164 -14.74 -9.39 25.68
N HIS D 165 -14.94 -10.42 24.86
CA HIS D 165 -15.31 -10.23 23.47
C HIS D 165 -16.43 -11.20 23.15
N THR D 166 -17.64 -10.69 22.99
CA THR D 166 -18.77 -11.54 22.64
C THR D 166 -19.03 -11.29 21.15
N PHE D 167 -18.83 -12.34 20.36
CA PHE D 167 -18.95 -12.27 18.91
C PHE D 167 -20.34 -12.31 18.33
N PRO D 168 -20.49 -11.75 17.12
CA PRO D 168 -21.81 -11.76 16.47
C PRO D 168 -22.10 -13.23 16.19
N ALA D 169 -23.38 -13.59 16.24
CA ALA D 169 -23.75 -14.97 15.98
C ALA D 169 -23.52 -15.29 14.51
N VAL D 170 -23.33 -16.57 14.22
CA VAL D 170 -23.14 -17.03 12.86
C VAL D 170 -24.27 -18.01 12.55
N LEU D 171 -24.86 -17.87 11.37
CA LEU D 171 -25.95 -18.74 10.95
C LEU D 171 -25.35 -19.96 10.25
N GLN D 172 -25.58 -21.13 10.81
CA GLN D 172 -25.06 -22.38 10.26
C GLN D 172 -25.94 -22.88 9.11
N SER D 173 -25.38 -23.78 8.30
CA SER D 173 -26.13 -24.32 7.17
C SER D 173 -27.37 -25.07 7.64
N SER D 174 -27.37 -25.47 8.92
CA SER D 174 -28.49 -26.19 9.50
C SER D 174 -29.68 -25.25 9.74
N GLY D 175 -29.41 -23.96 9.75
CA GLY D 175 -30.47 -22.99 10.00
C GLY D 175 -30.45 -22.55 11.45
N LEU D 176 -29.52 -23.10 12.23
CA LEU D 176 -29.38 -22.74 13.63
C LEU D 176 -28.18 -21.82 13.80
N TYR D 177 -28.23 -20.99 14.83
CA TYR D 177 -27.16 -20.04 15.12
C TYR D 177 -26.15 -20.59 16.12
N SER D 178 -24.96 -20.00 16.12
CA SER D 178 -23.90 -20.35 17.03
C SER D 178 -23.23 -19.04 17.41
N LEU D 179 -22.82 -18.92 18.66
CA LEU D 179 -22.18 -17.69 19.12
C LEU D 179 -21.08 -18.03 20.11
N SER D 180 -19.98 -17.29 20.05
CA SER D 180 -18.87 -17.52 20.98
C SER D 180 -18.58 -16.25 21.76
N SER D 181 -18.19 -16.42 23.02
CA SER D 181 -17.83 -15.30 23.87
C SER D 181 -16.54 -15.71 24.55
N VAL D 182 -15.55 -14.83 24.52
CA VAL D 182 -14.27 -15.13 25.14
C VAL D 182 -13.80 -14.00 26.05
N VAL D 183 -12.83 -14.32 26.89
CA VAL D 183 -12.26 -13.33 27.78
C VAL D 183 -10.79 -13.67 28.01
N THR D 184 -9.94 -12.66 28.00
CA THR D 184 -8.53 -12.87 28.24
C THR D 184 -8.24 -12.43 29.67
N VAL D 185 -7.44 -13.23 30.36
CA VAL D 185 -7.09 -12.95 31.75
C VAL D 185 -5.67 -13.38 32.03
N PRO D 186 -5.09 -12.89 33.14
CA PRO D 186 -3.72 -13.26 33.50
C PRO D 186 -3.61 -14.78 33.69
N SER D 187 -2.59 -15.37 33.08
CA SER D 187 -2.38 -16.80 33.19
C SER D 187 -2.21 -17.26 34.63
N SER D 188 -1.87 -16.32 35.50
CA SER D 188 -1.67 -16.65 36.92
C SER D 188 -2.96 -16.72 37.72
N SER D 189 -4.02 -16.10 37.21
CA SER D 189 -5.30 -16.11 37.90
C SER D 189 -6.08 -17.40 37.66
N LEU D 190 -5.64 -18.18 36.67
CA LEU D 190 -6.31 -19.43 36.34
C LEU D 190 -6.34 -20.42 37.49
N GLY D 191 -5.46 -20.24 38.47
CA GLY D 191 -5.43 -21.14 39.59
C GLY D 191 -6.27 -20.71 40.79
N THR D 192 -6.82 -19.50 40.75
CA THR D 192 -7.62 -19.02 41.86
C THR D 192 -8.99 -18.46 41.46
N GLN D 193 -8.97 -17.44 40.60
CA GLN D 193 -10.20 -16.79 40.15
C GLN D 193 -11.16 -17.70 39.39
N THR D 194 -12.46 -17.54 39.66
CA THR D 194 -13.49 -18.32 38.99
C THR D 194 -13.99 -17.51 37.80
N TYR D 195 -14.27 -18.20 36.69
CA TYR D 195 -14.77 -17.54 35.49
C TYR D 195 -16.03 -18.27 35.04
N ILE D 196 -17.15 -17.58 35.12
CA ILE D 196 -18.43 -18.17 34.74
C ILE D 196 -19.10 -17.38 33.63
N CYS D 197 -19.51 -18.05 32.57
CA CYS D 197 -20.21 -17.34 31.51
C CYS D 197 -21.69 -17.55 31.76
N ASN D 198 -22.45 -16.45 31.75
CA ASN D 198 -23.89 -16.51 31.97
C ASN D 198 -24.55 -16.36 30.61
N VAL D 199 -25.17 -17.44 30.15
CA VAL D 199 -25.82 -17.46 28.84
C VAL D 199 -27.32 -17.43 28.97
N ASN D 200 -27.98 -16.57 28.18
CA ASN D 200 -29.42 -16.51 28.22
C ASN D 200 -30.00 -16.47 26.81
N HIS D 201 -30.94 -17.38 26.55
CA HIS D 201 -31.62 -17.43 25.26
C HIS D 201 -33.09 -17.27 25.64
N LYS D 202 -33.50 -16.02 25.79
CA LYS D 202 -34.86 -15.69 26.18
C LYS D 202 -35.94 -16.38 25.36
N PRO D 203 -35.79 -16.45 24.03
CA PRO D 203 -36.81 -17.12 23.23
C PRO D 203 -37.22 -18.52 23.71
N SER D 204 -36.25 -19.28 24.23
CA SER D 204 -36.52 -20.63 24.72
C SER D 204 -36.54 -20.70 26.25
N ASN D 205 -36.45 -19.54 26.89
CA ASN D 205 -36.42 -19.49 28.36
C ASN D 205 -35.26 -20.36 28.86
N THR D 206 -34.14 -20.31 28.15
CA THR D 206 -32.96 -21.08 28.52
C THR D 206 -31.88 -20.21 29.13
N LYS D 207 -31.49 -20.52 30.36
CA LYS D 207 -30.42 -19.80 31.04
C LYS D 207 -29.42 -20.83 31.54
N VAL D 208 -28.14 -20.54 31.34
CA VAL D 208 -27.07 -21.44 31.76
C VAL D 208 -25.89 -20.65 32.32
N ASP D 209 -25.35 -21.13 33.43
CA ASP D 209 -24.16 -20.51 34.02
C ASP D 209 -23.12 -21.62 33.94
N LYS D 210 -22.02 -21.36 33.26
CA LYS D 210 -20.99 -22.39 33.13
C LYS D 210 -19.64 -21.90 33.61
N LYS D 211 -19.06 -22.63 34.55
CA LYS D 211 -17.74 -22.28 35.08
C LYS D 211 -16.75 -22.88 34.11
N ILE D 212 -15.77 -22.08 33.68
CA ILE D 212 -14.77 -22.54 32.72
C ILE D 212 -13.38 -22.57 33.34
N VAL D 213 -12.75 -23.74 33.33
CA VAL D 213 -11.42 -23.88 33.91
C VAL D 213 -10.54 -24.76 33.03
N PRO D 214 -9.21 -24.66 33.20
CA PRO D 214 -8.31 -25.48 32.40
C PRO D 214 -8.67 -26.93 32.69
N LYS D 215 -8.75 -27.76 31.65
CA LYS D 215 -9.11 -29.16 31.85
C LYS D 215 -7.93 -29.93 32.42
N SER D 216 -8.22 -30.92 33.27
CA SER D 216 -7.18 -31.74 33.88
C SER D 216 -6.78 -32.91 33.00
#